data_8FYT
#
_entry.id   8FYT
#
_cell.length_a   1.00
_cell.length_b   1.00
_cell.length_c   1.00
_cell.angle_alpha   90.00
_cell.angle_beta   90.00
_cell.angle_gamma   90.00
#
_symmetry.space_group_name_H-M   'P 1'
#
loop_
_entity.id
_entity.type
_entity.pdbx_description
1 polymer 'Soluble cytochrome b562,5-hydroxytryptamine receptor 1A,5-hydroxytryptamine receptor 1A'
2 polymer 'Guanine nucleotide-binding protein G(i) subunit alpha-1'
3 polymer 'Guanine nucleotide-binding protein G(I)/G(S)/G(T) subunit beta-1'
4 polymer 'Guanine nucleotide-binding protein G(I)/G(S)/G(O) subunit gamma-2'
5 non-polymer (8alpha)-N,N-diethyl-6-methyl-9,10-didehydroergoline-8-carboxamide
6 non-polymer '[(2R)-1-[oxidanyl-[(2R,3R,5S,6R)-2,3,5,6-tetrakis(oxidanyl)-4-phosphonooxy-cyclohexyl]oxy-phosphoryl]oxy-3-tetradecanoyloxy-propan-2-yl] (5E,8E)-hexadeca-5,8,11,14-tetraenoate'
7 non-polymer 'CHOLESTEROL HEMISUCCINATE'
#
loop_
_entity_poly.entity_id
_entity_poly.type
_entity_poly.pdbx_seq_one_letter_code
_entity_poly.pdbx_strand_id
1 'polypeptide(L)'
;MKTIIALSYIFCLVFADYKDDDDAKLQTMHHHHHHHHHHENLYFQGGTTADLEDNWETLNDNLKVIEKADNAAQVKDALT
KMRAAALDAQKATPPKLEDKSPDSPEMKDFRHGFDILVGQIDDALKLANEGKVKEAQAAAEQLKTTRNAYIQKYLTGISD
VTVSYQVITSLLLGTLIFCAVLGNACVVAAIALERSLQNVANYLIGSLAVTDLMVSVLVLPMAALYQVLNKWTLGQVTCD
LFIALDVLCCTSSIWHLCAIALDRYWAITDPIDYVNKRTPRRAAALISLTWLIGFLISIPPMLGWRTPEDRSDPDACTIS
KDHGYTIYSTFGAFYIPLLLMLVLYGRIFRAARFRIRKTVKKVEKTGADTRHGASPAPQPKKSVNGESGSRNWRLGVESK
AGGALCANGAVRQGDDGAALEVIEVHRVGNSKEHLPLPSEAGPTPCAPASFERKNERNAEAKRKMALARERKTVKTLGII
MGTFILCWLPFFIVALVLPFCESSCHMPTLLGAIINWLGYSNSLLNPVIYAYFNKDFQNAFKKIIKCKFCRQ
;
R
2 'polypeptide(L)'
;MGCTLSAEDKAAVERSKMIDRNLREDGEKAAREVKLLLLGAGESGKSTIVKQMKIIHEAGYSEEECKQYKAVVYSNTIQS
IIAIIRAMGRLKIDFGDSARADDARQLFVLAGAAEEGFMTAELAGVIKRLWKDSGVQACFNRSREYQLNDSAAYYLNDLD
RIAQPNYIPTQQDVLRTRVKTTGIVETHFTFKDLHFKMFDVGGQRSERKKWIHCFEGVTAIIFCVALSDYDLVLAEDEEM
NRMHESMKLFDSICNNKWFTDTSIILFLNKKDLFEEKIKKSPLTICYPEYAGSNTYEEAAAYIQCQFEDLNKRKDTKEIY
THFTCATDTKNVQFVFDAVTDVIIKNNLKDCGLF
;
A
3 'polypeptide(L)'
;MHHHHHHLEVLFQGPGSSGSELDQLRQEAEQLKNQIRDARKACADATLSQITNNIDPVGRIQMRTRRTLRGHLAKIYAMH
WGTDSRLLVSASQDGKLIIWDSYTTNKVHAIPLRSSWVMTCAYAPSGNYVACGGLDNICSIYNLKTREGNVRVSRELAGH
TGYLSCCRFLDDNQIVTSSGDTTCALWDIETGQQTTTFTGHTGDVMSLSLAPDTRLFVSGACDASAKLWDVREGMCRQTF
TGHESDINAICFFPNGNAFATGSDDATCRLFDLRADQELMTYSHDNIICGITSVSFSKSGRLLLAGYDDFNCNVWDALKA
DRAGVLAGHDNRVSCLGVTDDGMAVATGSWDSFLKIWN
;
B
4 'polypeptide(L)' MASNNTASIAQARKLVEQLKMEANIDRIKVSKAAADLMAYCEAHAKEDPLLTPVPASENPFREKKFFCAILGSAGSAGSA G
#
loop_
_chem_comp.id
_chem_comp.type
_chem_comp.name
_chem_comp.formula
7LD non-polymer (8alpha)-N,N-diethyl-6-methyl-9,10-didehydroergoline-8-carboxamide 'C20 H25 N3 O'
J40 non-polymer '[(2R)-1-[oxidanyl-[(2R,3R,5S,6R)-2,3,5,6-tetrakis(oxidanyl)-4-phosphonooxy-cyclohexyl]oxy-phosphoryl]oxy-3-tetradecanoyloxy-propan-2-yl] (5E,8E)-hexadeca-5,8,11,14-tetraenoate' 'C39 H68 O16 P2'
Y01 non-polymer 'CHOLESTEROL HEMISUCCINATE' 'C31 H50 O4'
#
# COMPACT_ATOMS: atom_id res chain seq x y z
N TYR A 165 54.18 -9.50 -12.34
CA TYR A 165 53.92 -9.82 -13.73
C TYR A 165 52.42 -10.06 -13.96
N GLN A 166 51.96 -11.28 -13.68
CA GLN A 166 50.56 -11.63 -13.83
C GLN A 166 49.77 -11.45 -12.54
N VAL A 167 50.41 -11.02 -11.46
CA VAL A 167 49.70 -10.81 -10.20
C VAL A 167 48.73 -9.64 -10.31
N ILE A 168 49.14 -8.58 -11.01
CA ILE A 168 48.27 -7.41 -11.18
C ILE A 168 47.04 -7.78 -11.99
N THR A 169 47.23 -8.52 -13.09
CA THR A 169 46.09 -8.96 -13.89
C THR A 169 45.22 -9.92 -13.10
N SER A 170 45.83 -10.80 -12.30
CA SER A 170 45.06 -11.71 -11.46
C SER A 170 44.18 -10.94 -10.49
N LEU A 171 44.74 -9.93 -9.83
CA LEU A 171 43.95 -9.13 -8.89
C LEU A 171 42.85 -8.36 -9.60
N LEU A 172 43.15 -7.78 -10.76
CA LEU A 172 42.14 -7.02 -11.49
C LEU A 172 40.98 -7.91 -11.93
N LEU A 173 41.29 -9.07 -12.52
CA LEU A 173 40.23 -9.99 -12.92
C LEU A 173 39.47 -10.52 -11.72
N GLY A 174 40.17 -10.80 -10.62
CA GLY A 174 39.49 -11.28 -9.42
C GLY A 174 38.52 -10.27 -8.85
N THR A 175 38.93 -9.00 -8.78
CA THR A 175 38.03 -7.98 -8.25
C THR A 175 36.87 -7.71 -9.21
N LEU A 176 37.12 -7.77 -10.52
CA LEU A 176 36.02 -7.62 -11.47
C LEU A 176 35.00 -8.74 -11.31
N ILE A 177 35.48 -9.99 -11.22
CA ILE A 177 34.58 -11.12 -11.07
C ILE A 177 33.84 -11.04 -9.74
N PHE A 178 34.55 -10.66 -8.67
CA PHE A 178 33.90 -10.56 -7.36
C PHE A 178 32.83 -9.49 -7.36
N CYS A 179 33.10 -8.33 -7.96
CA CYS A 179 32.09 -7.28 -8.05
C CYS A 179 30.88 -7.73 -8.87
N ALA A 180 31.11 -8.41 -10.00
CA ALA A 180 30.01 -8.88 -10.81
C ALA A 180 29.15 -9.89 -10.05
N VAL A 181 29.79 -10.86 -9.41
CA VAL A 181 29.05 -11.87 -8.65
C VAL A 181 28.28 -11.22 -7.51
N LEU A 182 28.90 -10.31 -6.76
CA LEU A 182 28.23 -9.67 -5.65
C LEU A 182 27.04 -8.85 -6.12
N GLY A 183 27.20 -8.06 -7.19
CA GLY A 183 26.10 -7.26 -7.67
C GLY A 183 24.93 -8.10 -8.18
N ASN A 184 25.23 -9.13 -8.98
CA ASN A 184 24.16 -9.97 -9.51
C ASN A 184 23.46 -10.74 -8.40
N ALA A 185 24.22 -11.28 -7.45
CA ALA A 185 23.61 -12.00 -6.33
C ALA A 185 22.77 -11.06 -5.47
N CYS A 186 23.24 -9.83 -5.25
CA CYS A 186 22.47 -8.87 -4.49
C CYS A 186 21.15 -8.54 -5.18
N VAL A 187 21.18 -8.35 -6.50
CA VAL A 187 19.96 -8.06 -7.25
C VAL A 187 18.99 -9.24 -7.14
N VAL A 188 19.50 -10.46 -7.34
CA VAL A 188 18.64 -11.64 -7.29
C VAL A 188 18.04 -11.80 -5.90
N ALA A 189 18.85 -11.64 -4.86
CA ALA A 189 18.35 -11.79 -3.49
C ALA A 189 17.33 -10.71 -3.16
N ALA A 190 17.58 -9.47 -3.59
CA ALA A 190 16.63 -8.39 -3.33
C ALA A 190 15.30 -8.66 -4.00
N ILE A 191 15.32 -9.15 -5.24
CA ILE A 191 14.06 -9.48 -5.90
C ILE A 191 13.38 -10.65 -5.21
N ALA A 192 14.16 -11.61 -4.71
CA ALA A 192 13.57 -12.79 -4.09
C ALA A 192 12.90 -12.47 -2.76
N LEU A 193 13.55 -11.67 -1.92
CA LEU A 193 13.05 -11.44 -0.57
C LEU A 193 12.29 -10.12 -0.41
N GLU A 194 12.13 -9.34 -1.47
CA GLU A 194 11.34 -8.12 -1.42
C GLU A 194 10.01 -8.36 -2.12
N ARG A 195 8.95 -7.80 -1.54
CA ARG A 195 7.60 -8.13 -1.96
C ARG A 195 7.02 -7.09 -2.90
N SER A 196 7.54 -5.86 -2.87
CA SER A 196 7.18 -4.88 -3.87
C SER A 196 7.90 -5.13 -5.19
N LEU A 197 9.02 -5.86 -5.15
CA LEU A 197 9.81 -6.14 -6.35
C LEU A 197 9.36 -7.46 -6.97
N GLN A 198 8.06 -7.57 -7.24
CA GLN A 198 7.46 -8.83 -7.67
C GLN A 198 6.52 -8.60 -8.85
N ASN A 199 6.97 -7.84 -9.84
CA ASN A 199 6.20 -7.61 -11.05
C ASN A 199 6.99 -8.07 -12.27
N VAL A 200 6.31 -8.05 -13.45
CA VAL A 200 6.85 -8.56 -14.75
C VAL A 200 8.19 -7.90 -15.10
N ALA A 201 8.33 -6.59 -14.95
CA ALA A 201 9.59 -5.92 -15.30
C ALA A 201 10.71 -6.35 -14.36
N ASN A 202 10.42 -6.42 -13.06
CA ASN A 202 11.44 -6.84 -12.11
C ASN A 202 11.76 -8.32 -12.25
N TYR A 203 10.79 -9.13 -12.71
CA TYR A 203 11.09 -10.52 -13.03
C TYR A 203 12.09 -10.62 -14.17
N LEU A 204 11.91 -9.80 -15.20
CA LEU A 204 12.88 -9.78 -16.30
C LEU A 204 14.24 -9.29 -15.83
N ILE A 205 14.27 -8.26 -14.97
CA ILE A 205 15.54 -7.69 -14.40
C ILE A 205 16.19 -8.77 -13.53
N GLY A 206 15.42 -9.64 -12.84
CA GLY A 206 15.99 -10.72 -12.05
C GLY A 206 16.52 -11.86 -12.89
N SER A 207 15.83 -12.18 -13.99
CA SER A 207 16.35 -13.19 -14.90
C SER A 207 17.64 -12.73 -15.54
N LEU A 208 17.72 -11.44 -15.91
CA LEU A 208 18.97 -10.90 -16.43
C LEU A 208 20.08 -11.00 -15.38
N ALA A 209 19.75 -10.71 -14.12
CA ALA A 209 20.75 -10.81 -13.05
C ALA A 209 21.19 -12.26 -12.85
N VAL A 210 20.26 -13.21 -12.95
CA VAL A 210 20.61 -14.61 -12.83
C VAL A 210 21.53 -15.03 -13.97
N THR A 211 21.23 -14.58 -15.19
CA THR A 211 22.09 -14.90 -16.32
C THR A 211 23.49 -14.30 -16.16
N ASP A 212 23.56 -13.06 -15.67
CA ASP A 212 24.86 -12.44 -15.45
C ASP A 212 25.62 -13.12 -14.32
N LEU A 213 24.89 -13.60 -13.30
CA LEU A 213 25.54 -14.37 -12.24
C LEU A 213 26.11 -15.67 -12.77
N MET A 214 25.37 -16.34 -13.66
CA MET A 214 25.90 -17.54 -14.31
C MET A 214 27.13 -17.21 -15.15
N VAL A 215 27.09 -16.08 -15.86
CA VAL A 215 28.26 -15.62 -16.60
C VAL A 215 29.46 -15.44 -15.66
N SER A 216 29.21 -14.85 -14.50
CA SER A 216 30.28 -14.46 -13.59
C SER A 216 30.81 -15.61 -12.76
N VAL A 217 30.04 -16.68 -12.56
CA VAL A 217 30.48 -17.80 -11.75
C VAL A 217 30.81 -19.05 -12.57
N LEU A 218 30.46 -19.09 -13.86
CA LEU A 218 30.77 -20.25 -14.68
C LEU A 218 31.74 -19.93 -15.80
N VAL A 219 31.65 -18.71 -16.36
CA VAL A 219 32.49 -18.36 -17.54
C VAL A 219 33.68 -17.51 -17.08
N LEU A 220 33.44 -16.48 -16.27
CA LEU A 220 34.49 -15.55 -15.88
C LEU A 220 35.65 -16.21 -15.13
N PRO A 221 35.44 -17.11 -14.17
CA PRO A 221 36.61 -17.78 -13.56
C PRO A 221 37.48 -18.51 -14.55
N MET A 222 36.86 -19.26 -15.48
CA MET A 222 37.63 -20.00 -16.48
C MET A 222 38.32 -19.06 -17.46
N ALA A 223 37.65 -17.99 -17.88
CA ALA A 223 38.28 -17.02 -18.76
C ALA A 223 39.45 -16.32 -18.10
N ALA A 224 39.32 -15.98 -16.81
CA ALA A 224 40.42 -15.40 -16.06
C ALA A 224 41.59 -16.37 -15.90
N LEU A 225 41.28 -17.64 -15.62
CA LEU A 225 42.35 -18.64 -15.52
C LEU A 225 43.07 -18.81 -16.84
N TYR A 226 42.32 -18.78 -17.95
CA TYR A 226 42.93 -18.80 -19.27
C TYR A 226 43.81 -17.57 -19.49
N GLN A 227 43.34 -16.39 -19.07
CA GLN A 227 44.10 -15.16 -19.29
C GLN A 227 45.34 -15.12 -18.41
N VAL A 228 45.22 -15.50 -17.14
CA VAL A 228 46.35 -15.40 -16.22
C VAL A 228 47.45 -16.37 -16.63
N LEU A 229 47.09 -17.63 -16.90
CA LEU A 229 48.07 -18.64 -17.24
C LEU A 229 48.53 -18.57 -18.68
N ASN A 230 47.87 -17.77 -19.52
CA ASN A 230 48.23 -17.59 -20.93
C ASN A 230 48.15 -18.88 -21.72
N LYS A 231 47.52 -19.92 -21.17
CA LYS A 231 47.32 -21.17 -21.88
C LYS A 231 46.16 -21.91 -21.24
N TRP A 232 45.59 -22.84 -22.00
CA TRP A 232 44.46 -23.64 -21.54
C TRP A 232 44.99 -24.90 -20.87
N THR A 233 44.83 -24.99 -19.55
CA THR A 233 45.33 -26.11 -18.76
C THR A 233 44.20 -26.94 -18.18
N LEU A 234 43.09 -27.05 -18.91
CA LEU A 234 41.92 -27.75 -18.41
C LEU A 234 41.43 -28.88 -19.31
N GLY A 235 41.94 -28.99 -20.53
CA GLY A 235 41.56 -30.09 -21.40
C GLY A 235 40.65 -29.63 -22.53
N GLN A 236 40.68 -30.38 -23.62
CA GLN A 236 39.87 -30.04 -24.80
C GLN A 236 38.38 -30.14 -24.49
N VAL A 237 37.96 -31.16 -23.74
CA VAL A 237 36.56 -31.29 -23.38
C VAL A 237 36.12 -30.12 -22.53
N THR A 238 36.94 -29.75 -21.54
CA THR A 238 36.63 -28.58 -20.73
C THR A 238 36.69 -27.30 -21.55
N CYS A 239 37.54 -27.26 -22.58
CA CYS A 239 37.54 -26.11 -23.48
C CYS A 239 36.23 -25.98 -24.22
N ASP A 240 35.70 -27.10 -24.73
CA ASP A 240 34.42 -27.07 -25.41
C ASP A 240 33.29 -26.69 -24.45
N LEU A 241 33.33 -27.21 -23.22
CA LEU A 241 32.33 -26.82 -22.23
C LEU A 241 32.42 -25.34 -21.91
N PHE A 242 33.64 -24.80 -21.85
CA PHE A 242 33.83 -23.34 -21.62
C PHE A 242 33.21 -22.54 -22.77
N ILE A 243 33.56 -22.87 -24.01
CA ILE A 243 33.02 -22.13 -25.20
C ILE A 243 31.49 -22.19 -25.16
N ALA A 244 30.91 -23.38 -24.95
CA ALA A 244 29.44 -23.54 -24.94
C ALA A 244 28.82 -22.66 -23.86
N LEU A 245 29.34 -22.71 -22.63
CA LEU A 245 28.79 -21.91 -21.50
C LEU A 245 28.96 -20.42 -21.80
N ASP A 246 30.12 -20.02 -22.34
CA ASP A 246 30.38 -18.60 -22.68
C ASP A 246 29.31 -18.12 -23.65
N VAL A 247 29.16 -18.78 -24.78
CA VAL A 247 28.18 -18.35 -25.82
C VAL A 247 26.76 -18.41 -25.24
N LEU A 248 26.40 -19.51 -24.57
CA LEU A 248 25.02 -19.69 -24.04
C LEU A 248 24.67 -18.59 -23.03
N CYS A 249 25.53 -18.39 -22.03
CA CYS A 249 25.21 -17.42 -20.95
C CYS A 249 25.25 -15.98 -21.48
N CYS A 250 26.15 -15.68 -22.42
CA CYS A 250 26.28 -14.28 -22.92
C CYS A 250 25.17 -13.99 -23.93
N THR A 251 24.86 -14.92 -24.85
CA THR A 251 23.71 -14.73 -25.73
C THR A 251 22.43 -14.58 -24.93
N SER A 252 22.28 -15.35 -23.85
CA SER A 252 21.11 -15.20 -22.98
C SER A 252 21.07 -13.81 -22.35
N SER A 253 22.23 -13.27 -21.94
CA SER A 253 22.25 -11.94 -21.36
C SER A 253 21.86 -10.87 -22.39
N ILE A 254 22.41 -10.97 -23.61
CA ILE A 254 22.07 -9.99 -24.64
C ILE A 254 20.59 -10.07 -24.99
N TRP A 255 20.05 -11.30 -25.10
CA TRP A 255 18.61 -11.50 -25.46
C TRP A 255 17.75 -11.12 -24.26
N HIS A 256 18.24 -11.16 -23.01
CA HIS A 256 17.53 -10.57 -21.89
C HIS A 256 17.44 -9.06 -21.99
N LEU A 257 18.51 -8.40 -22.41
CA LEU A 257 18.43 -6.96 -22.68
C LEU A 257 17.39 -6.68 -23.75
N CYS A 258 17.38 -7.49 -24.81
CA CYS A 258 16.39 -7.31 -25.87
C CYS A 258 14.97 -7.53 -25.36
N ALA A 259 14.77 -8.53 -24.51
CA ALA A 259 13.43 -8.81 -23.97
C ALA A 259 12.97 -7.70 -23.03
N ILE A 260 13.90 -7.14 -22.25
CA ILE A 260 13.56 -6.01 -21.40
C ILE A 260 13.14 -4.82 -22.25
N ALA A 261 13.87 -4.57 -23.34
CA ALA A 261 13.47 -3.50 -24.26
C ALA A 261 12.08 -3.76 -24.85
N LEU A 262 11.81 -5.00 -25.23
CA LEU A 262 10.50 -5.34 -25.79
C LEU A 262 9.39 -5.15 -24.77
N ASP A 263 9.63 -5.56 -23.52
CA ASP A 263 8.63 -5.38 -22.49
C ASP A 263 8.36 -3.91 -22.21
N ARG A 264 9.42 -3.09 -22.18
CA ARG A 264 9.23 -1.65 -22.00
C ARG A 264 8.47 -1.05 -23.17
N TYR A 265 8.76 -1.50 -24.39
CA TYR A 265 8.05 -1.01 -25.57
C TYR A 265 6.58 -1.37 -25.50
N TRP A 266 6.26 -2.58 -25.07
CA TRP A 266 4.86 -2.98 -24.95
C TRP A 266 4.16 -2.20 -23.84
N ALA A 267 4.85 -1.94 -22.72
CA ALA A 267 4.23 -1.21 -21.63
C ALA A 267 3.98 0.24 -21.99
N ILE A 268 4.87 0.83 -22.79
CA ILE A 268 4.74 2.25 -23.11
C ILE A 268 3.77 2.47 -24.27
N THR A 269 3.81 1.59 -25.27
CA THR A 269 3.00 1.77 -26.47
C THR A 269 1.59 1.20 -26.32
N ASP A 270 1.42 0.16 -25.50
CA ASP A 270 0.14 -0.55 -25.38
C ASP A 270 -0.30 -0.59 -23.93
N PRO A 271 -0.88 0.51 -23.43
CA PRO A 271 -1.40 0.50 -22.05
C PRO A 271 -2.53 -0.50 -21.84
N ILE A 272 -3.31 -0.79 -22.88
CA ILE A 272 -4.43 -1.72 -22.73
C ILE A 272 -3.93 -3.11 -22.41
N ASP A 273 -2.92 -3.59 -23.14
CA ASP A 273 -2.33 -4.89 -22.83
C ASP A 273 -1.51 -4.85 -21.55
N TYR A 274 -1.00 -3.67 -21.19
CA TYR A 274 -0.32 -3.54 -19.90
C TYR A 274 -1.28 -3.78 -18.75
N VAL A 275 -2.51 -3.27 -18.87
CA VAL A 275 -3.49 -3.44 -17.80
C VAL A 275 -4.09 -4.83 -17.85
N ASN A 276 -4.47 -5.31 -19.05
CA ASN A 276 -5.25 -6.53 -19.17
C ASN A 276 -4.38 -7.77 -19.37
N LYS A 277 -3.60 -7.80 -20.44
CA LYS A 277 -2.95 -9.03 -20.89
C LYS A 277 -1.52 -9.20 -20.37
N ARG A 278 -1.03 -8.28 -19.53
CA ARG A 278 0.33 -8.37 -19.03
C ARG A 278 0.33 -9.18 -17.73
N THR A 279 0.95 -10.35 -17.78
CA THR A 279 1.01 -11.29 -16.67
C THR A 279 2.43 -11.81 -16.52
N PRO A 280 2.79 -12.35 -15.35
CA PRO A 280 4.13 -12.92 -15.21
C PRO A 280 4.41 -14.07 -16.16
N ARG A 281 3.37 -14.71 -16.69
CA ARG A 281 3.57 -15.72 -17.73
C ARG A 281 4.28 -15.12 -18.94
N ARG A 282 4.00 -13.86 -19.26
CA ARG A 282 4.71 -13.20 -20.35
C ARG A 282 6.20 -13.08 -20.06
N ALA A 283 6.55 -12.70 -18.82
CA ALA A 283 7.95 -12.62 -18.45
C ALA A 283 8.62 -13.99 -18.52
N ALA A 284 7.92 -15.03 -18.04
CA ALA A 284 8.48 -16.38 -18.12
C ALA A 284 8.70 -16.80 -19.55
N ALA A 285 7.75 -16.50 -20.44
CA ALA A 285 7.90 -16.83 -21.85
C ALA A 285 9.08 -16.08 -22.46
N LEU A 286 9.23 -14.80 -22.13
CA LEU A 286 10.36 -14.04 -22.66
C LEU A 286 11.68 -14.64 -22.21
N ILE A 287 11.78 -15.00 -20.92
CA ILE A 287 13.01 -15.62 -20.41
C ILE A 287 13.28 -16.94 -21.13
N SER A 288 12.21 -17.73 -21.33
CA SER A 288 12.37 -19.01 -22.02
C SER A 288 12.88 -18.81 -23.44
N LEU A 289 12.36 -17.82 -24.16
CA LEU A 289 12.85 -17.55 -25.51
C LEU A 289 14.29 -17.07 -25.51
N THR A 290 14.69 -16.22 -24.54
CA THR A 290 16.08 -15.79 -24.49
C THR A 290 17.02 -16.97 -24.27
N TRP A 291 16.68 -17.85 -23.32
CA TRP A 291 17.52 -19.01 -23.07
C TRP A 291 17.49 -19.99 -24.22
N LEU A 292 16.36 -20.11 -24.91
CA LEU A 292 16.27 -20.97 -26.08
C LEU A 292 17.16 -20.46 -27.21
N ILE A 293 17.19 -19.15 -27.43
CA ILE A 293 18.08 -18.60 -28.44
C ILE A 293 19.54 -18.80 -28.03
N GLY A 294 19.85 -18.62 -26.76
CA GLY A 294 21.20 -18.91 -26.29
C GLY A 294 21.61 -20.34 -26.56
N PHE A 295 20.71 -21.30 -26.29
CA PHE A 295 20.99 -22.69 -26.58
C PHE A 295 21.16 -22.93 -28.08
N LEU A 296 20.29 -22.32 -28.90
CA LEU A 296 20.39 -22.51 -30.35
C LEU A 296 21.63 -21.86 -30.93
N ILE A 297 22.26 -20.93 -30.21
CA ILE A 297 23.52 -20.37 -30.68
C ILE A 297 24.73 -21.14 -30.16
N SER A 298 24.65 -21.70 -28.95
CA SER A 298 25.82 -22.31 -28.33
C SER A 298 25.93 -23.82 -28.55
N ILE A 299 24.81 -24.52 -28.76
CA ILE A 299 24.81 -25.98 -28.87
C ILE A 299 25.20 -26.48 -30.26
N PRO A 300 24.75 -25.87 -31.36
CA PRO A 300 25.06 -26.43 -32.70
C PRO A 300 26.56 -26.62 -32.94
N PRO A 301 27.42 -25.72 -32.47
CA PRO A 301 28.86 -26.02 -32.59
C PRO A 301 29.27 -27.28 -31.85
N MET A 302 28.61 -27.63 -30.74
CA MET A 302 28.93 -28.87 -30.06
C MET A 302 28.51 -30.10 -30.88
N LEU A 303 27.61 -29.91 -31.84
CA LEU A 303 27.12 -31.00 -32.69
C LEU A 303 27.39 -30.61 -34.14
N GLY A 304 28.58 -30.94 -34.63
CA GLY A 304 28.97 -30.57 -35.98
C GLY A 304 29.52 -29.16 -36.05
N TRP A 305 29.78 -28.73 -37.29
CA TRP A 305 30.38 -27.42 -37.57
C TRP A 305 31.69 -27.24 -36.80
N ARG A 306 32.51 -28.29 -36.80
CA ARG A 306 33.80 -28.28 -36.10
C ARG A 306 34.90 -28.72 -37.06
N THR A 307 35.62 -27.75 -37.60
CA THR A 307 36.80 -28.04 -38.38
C THR A 307 37.90 -28.59 -37.47
N PRO A 308 38.84 -29.37 -38.02
CA PRO A 308 39.92 -29.90 -37.18
C PRO A 308 40.79 -28.83 -36.55
N GLU A 309 40.78 -27.60 -37.07
CA GLU A 309 41.61 -26.54 -36.52
C GLU A 309 41.21 -26.20 -35.08
N ASP A 310 39.96 -26.47 -34.70
CA ASP A 310 39.51 -26.13 -33.35
C ASP A 310 40.27 -26.94 -32.30
N ARG A 311 40.45 -28.24 -32.53
CA ARG A 311 41.18 -29.10 -31.62
C ARG A 311 42.62 -29.35 -32.07
N SER A 312 43.05 -28.72 -33.16
CA SER A 312 44.41 -28.95 -33.65
C SER A 312 45.46 -28.45 -32.65
N ASP A 313 45.13 -27.43 -31.87
CA ASP A 313 46.05 -26.90 -30.87
C ASP A 313 45.57 -27.31 -29.48
N PRO A 314 46.23 -28.28 -28.83
CA PRO A 314 45.82 -28.64 -27.46
C PRO A 314 45.96 -27.50 -26.47
N ASP A 315 46.95 -26.63 -26.65
CA ASP A 315 47.21 -25.53 -25.73
C ASP A 315 46.50 -24.25 -26.17
N ALA A 316 45.19 -24.35 -26.42
CA ALA A 316 44.41 -23.21 -26.88
C ALA A 316 42.93 -23.53 -26.72
N CYS A 317 42.12 -22.48 -26.66
CA CYS A 317 40.66 -22.60 -26.61
C CYS A 317 40.07 -21.51 -27.51
N THR A 318 39.85 -21.86 -28.77
CA THR A 318 39.35 -20.92 -29.76
C THR A 318 38.01 -21.39 -30.31
N ILE A 319 37.18 -20.43 -30.67
CA ILE A 319 35.86 -20.72 -31.24
C ILE A 319 36.02 -21.11 -32.70
N SER A 320 34.94 -21.66 -33.26
CA SER A 320 34.98 -22.13 -34.65
C SER A 320 35.15 -20.96 -35.60
N LYS A 321 35.97 -21.15 -36.63
CA LYS A 321 36.25 -20.13 -37.63
C LYS A 321 35.47 -20.36 -38.92
N ASP A 322 34.52 -21.29 -38.93
CA ASP A 322 33.74 -21.54 -40.13
C ASP A 322 32.91 -20.30 -40.48
N HIS A 323 32.91 -19.94 -41.77
CA HIS A 323 32.25 -18.71 -42.19
C HIS A 323 30.74 -18.78 -41.94
N GLY A 324 30.12 -19.92 -42.28
CA GLY A 324 28.69 -20.06 -42.03
C GLY A 324 28.36 -19.99 -40.56
N TYR A 325 29.12 -20.73 -39.73
CA TYR A 325 28.85 -20.70 -38.30
C TYR A 325 29.15 -19.35 -37.69
N THR A 326 30.24 -18.70 -38.11
CA THR A 326 30.54 -17.39 -37.54
C THR A 326 29.46 -16.38 -37.90
N ILE A 327 28.97 -16.42 -39.14
CA ILE A 327 27.86 -15.54 -39.54
C ILE A 327 26.64 -15.82 -38.68
N TYR A 328 26.26 -17.10 -38.57
CA TYR A 328 25.04 -17.46 -37.83
C TYR A 328 25.13 -17.04 -36.38
N SER A 329 26.21 -17.45 -35.69
CA SER A 329 26.33 -17.16 -34.27
C SER A 329 26.46 -15.67 -34.01
N THR A 330 27.34 -14.99 -34.74
CA THR A 330 27.63 -13.52 -34.54
C THR A 330 26.37 -12.70 -34.84
N PHE A 331 25.61 -13.02 -35.90
CA PHE A 331 24.41 -12.27 -36.22
C PHE A 331 23.30 -12.55 -35.21
N GLY A 332 22.97 -13.82 -34.99
CA GLY A 332 21.88 -14.16 -34.11
C GLY A 332 22.17 -13.95 -32.64
N ALA A 333 23.41 -13.66 -32.27
CA ALA A 333 23.73 -13.34 -30.88
C ALA A 333 23.83 -11.84 -30.62
N PHE A 334 24.31 -11.05 -31.59
CA PHE A 334 24.45 -9.62 -31.37
C PHE A 334 23.63 -8.78 -32.34
N TYR A 335 23.74 -9.03 -33.65
CA TYR A 335 23.30 -8.04 -34.62
C TYR A 335 21.79 -7.99 -34.74
N ILE A 336 21.12 -9.15 -34.75
CA ILE A 336 19.67 -9.16 -34.64
C ILE A 336 19.21 -8.59 -33.30
N PRO A 337 19.76 -8.98 -32.15
CA PRO A 337 19.42 -8.27 -30.91
C PRO A 337 19.73 -6.78 -30.95
N LEU A 338 20.85 -6.39 -31.57
CA LEU A 338 21.20 -4.98 -31.61
C LEU A 338 20.20 -4.20 -32.45
N LEU A 339 19.86 -4.71 -33.64
CA LEU A 339 18.89 -4.03 -34.49
C LEU A 339 17.52 -3.97 -33.82
N LEU A 340 17.10 -5.07 -33.18
CA LEU A 340 15.82 -5.09 -32.49
C LEU A 340 15.79 -4.10 -31.34
N MET A 341 16.85 -4.04 -30.54
CA MET A 341 16.91 -3.09 -29.44
C MET A 341 16.91 -1.66 -29.96
N LEU A 342 17.65 -1.39 -31.03
CA LEU A 342 17.67 -0.04 -31.59
C LEU A 342 16.29 0.38 -32.06
N VAL A 343 15.59 -0.50 -32.78
CA VAL A 343 14.25 -0.17 -33.27
C VAL A 343 13.29 0.05 -32.10
N LEU A 344 13.32 -0.86 -31.12
CA LEU A 344 12.39 -0.76 -29.99
C LEU A 344 12.63 0.50 -29.19
N TYR A 345 13.89 0.83 -28.93
CA TYR A 345 14.17 2.03 -28.13
C TYR A 345 13.99 3.30 -28.94
N GLY A 346 14.12 3.25 -30.27
CA GLY A 346 13.73 4.39 -31.07
C GLY A 346 12.23 4.65 -31.02
N ARG A 347 11.43 3.59 -31.08
CA ARG A 347 9.99 3.75 -30.94
C ARG A 347 9.62 4.24 -29.55
N ILE A 348 10.31 3.73 -28.52
CA ILE A 348 10.07 4.21 -27.16
C ILE A 348 10.45 5.67 -27.02
N PHE A 349 11.53 6.07 -27.71
CA PHE A 349 12.02 7.48 -27.69
C PHE A 349 11.00 8.38 -28.40
N ARG A 350 10.36 7.90 -29.47
CA ARG A 350 9.30 8.65 -30.15
C ARG A 350 8.07 8.78 -29.26
N ALA A 351 7.66 7.70 -28.60
CA ALA A 351 6.50 7.75 -27.72
C ALA A 351 6.74 8.67 -26.53
N ALA A 352 7.94 8.60 -25.95
CA ALA A 352 8.26 9.44 -24.81
C ALA A 352 8.27 10.91 -25.18
N ARG A 353 8.83 11.25 -26.35
CA ARG A 353 8.78 12.64 -26.80
C ARG A 353 7.36 13.07 -27.07
N PHE A 354 6.54 12.20 -27.65
CA PHE A 354 5.16 12.55 -27.91
C PHE A 354 4.40 12.84 -26.62
N ARG A 355 4.65 12.05 -25.58
CA ARG A 355 4.03 12.31 -24.29
C ARG A 355 4.58 13.54 -23.59
N ILE A 356 5.87 13.83 -23.77
CA ILE A 356 6.48 15.00 -23.14
C ILE A 356 5.97 16.29 -23.78
N ARG A 357 5.85 16.32 -25.10
CA ARG A 357 5.45 17.57 -25.83
C ARG A 357 4.04 17.99 -25.40
N LYS A 358 3.10 17.05 -25.22
CA LYS A 358 1.69 17.37 -24.84
C LYS A 358 1.51 17.18 -23.33
N LYS A 454 0.94 34.30 -13.14
CA LYS A 454 0.69 34.72 -14.51
C LYS A 454 0.79 33.55 -15.47
N ASN A 455 0.13 33.67 -16.63
CA ASN A 455 0.17 32.61 -17.63
C ASN A 455 1.59 32.41 -18.16
N GLU A 456 2.34 33.50 -18.32
CA GLU A 456 3.70 33.39 -18.86
C GLU A 456 4.59 32.58 -17.92
N ARG A 457 4.46 32.79 -16.61
CA ARG A 457 5.27 32.04 -15.65
C ARG A 457 4.94 30.55 -15.70
N ASN A 458 3.65 30.20 -15.76
CA ASN A 458 3.27 28.80 -15.84
C ASN A 458 3.74 28.17 -17.15
N ALA A 459 3.65 28.91 -18.26
CA ALA A 459 4.15 28.40 -19.53
C ALA A 459 5.66 28.17 -19.49
N GLU A 460 6.39 29.10 -18.88
CA GLU A 460 7.84 28.93 -18.76
C GLU A 460 8.18 27.74 -17.88
N ALA A 461 7.44 27.55 -16.78
CA ALA A 461 7.67 26.39 -15.92
C ALA A 461 7.40 25.10 -16.67
N LYS A 462 6.30 25.05 -17.43
CA LYS A 462 6.01 23.87 -18.22
C LYS A 462 7.08 23.59 -19.25
N ARG A 463 7.59 24.65 -19.89
CA ARG A 463 8.65 24.46 -20.88
C ARG A 463 9.93 23.94 -20.25
N LYS A 464 10.32 24.50 -19.09
CA LYS A 464 11.49 23.99 -18.40
C LYS A 464 11.29 22.53 -18.00
N MET A 465 10.09 22.18 -17.56
CA MET A 465 9.79 20.79 -17.22
C MET A 465 9.91 19.88 -18.44
N ALA A 466 9.41 20.34 -19.59
CA ALA A 466 9.48 19.54 -20.81
C ALA A 466 10.92 19.32 -21.25
N LEU A 467 11.75 20.37 -21.23
CA LEU A 467 13.16 20.19 -21.56
C LEU A 467 13.87 19.29 -20.55
N ALA A 468 13.51 19.40 -19.27
CA ALA A 468 14.11 18.51 -18.28
C ALA A 468 13.78 17.05 -18.57
N ARG A 469 12.51 16.78 -18.90
CA ARG A 469 12.10 15.41 -19.19
C ARG A 469 12.74 14.90 -20.49
N GLU A 470 12.86 15.77 -21.50
CA GLU A 470 13.53 15.36 -22.72
C GLU A 470 15.00 15.04 -22.47
N ARG A 471 15.68 15.87 -21.68
CA ARG A 471 17.06 15.56 -21.34
C ARG A 471 17.16 14.26 -20.57
N LYS A 472 16.21 14.01 -19.66
CA LYS A 472 16.23 12.77 -18.89
C LYS A 472 16.06 11.55 -19.78
N THR A 473 15.12 11.60 -20.73
CA THR A 473 14.91 10.43 -21.58
C THR A 473 16.08 10.22 -22.52
N VAL A 474 16.66 11.30 -23.05
CA VAL A 474 17.85 11.17 -23.89
C VAL A 474 18.99 10.56 -23.09
N LYS A 475 19.19 11.03 -21.85
CA LYS A 475 20.27 10.50 -21.03
C LYS A 475 20.06 9.02 -20.72
N THR A 476 18.84 8.62 -20.38
CA THR A 476 18.59 7.22 -20.03
C THR A 476 18.79 6.31 -21.24
N LEU A 477 18.20 6.69 -22.38
CA LEU A 477 18.36 5.85 -23.57
C LEU A 477 19.80 5.81 -24.02
N GLY A 478 20.51 6.95 -23.93
CA GLY A 478 21.92 6.95 -24.25
C GLY A 478 22.72 6.04 -23.34
N ILE A 479 22.41 6.05 -22.04
CA ILE A 479 23.11 5.18 -21.10
C ILE A 479 22.91 3.72 -21.50
N ILE A 480 21.64 3.33 -21.71
CA ILE A 480 21.35 1.93 -22.02
C ILE A 480 22.05 1.50 -23.32
N MET A 481 21.83 2.28 -24.38
CA MET A 481 22.33 1.88 -25.69
C MET A 481 23.85 1.97 -25.76
N GLY A 482 24.45 3.01 -25.15
CA GLY A 482 25.89 3.14 -25.17
C GLY A 482 26.57 2.06 -24.36
N THR A 483 26.00 1.69 -23.22
CA THR A 483 26.55 0.57 -22.46
C THR A 483 26.52 -0.70 -23.29
N PHE A 484 25.37 -1.01 -23.89
CA PHE A 484 25.27 -2.22 -24.72
C PHE A 484 26.28 -2.18 -25.87
N ILE A 485 26.38 -1.04 -26.54
CA ILE A 485 27.28 -0.92 -27.70
C ILE A 485 28.73 -1.07 -27.27
N LEU A 486 29.19 -0.20 -26.38
CA LEU A 486 30.59 -0.20 -26.00
C LEU A 486 31.00 -1.49 -25.32
N CYS A 487 30.04 -2.24 -24.77
CA CYS A 487 30.39 -3.52 -24.19
C CYS A 487 30.45 -4.64 -25.22
N TRP A 488 29.52 -4.67 -26.17
CA TRP A 488 29.44 -5.83 -27.03
C TRP A 488 29.80 -5.56 -28.49
N LEU A 489 29.63 -4.33 -28.98
CA LEU A 489 29.95 -4.05 -30.38
C LEU A 489 31.41 -4.25 -30.71
N PRO A 490 32.39 -3.78 -29.92
CA PRO A 490 33.79 -4.00 -30.30
C PRO A 490 34.16 -5.46 -30.46
N PHE A 491 33.60 -6.34 -29.63
CA PHE A 491 33.94 -7.76 -29.73
C PHE A 491 33.36 -8.38 -30.99
N PHE A 492 32.10 -8.08 -31.29
CA PHE A 492 31.42 -8.78 -32.38
C PHE A 492 31.87 -8.29 -33.75
N ILE A 493 32.34 -7.04 -33.85
CA ILE A 493 32.96 -6.59 -35.09
C ILE A 493 34.17 -7.46 -35.41
N VAL A 494 35.02 -7.68 -34.41
CA VAL A 494 36.21 -8.52 -34.59
C VAL A 494 35.81 -9.97 -34.83
N ALA A 495 34.78 -10.45 -34.14
CA ALA A 495 34.32 -11.82 -34.34
C ALA A 495 33.69 -12.04 -35.71
N LEU A 496 33.26 -10.96 -36.38
CA LEU A 496 32.71 -11.08 -37.73
C LEU A 496 33.75 -10.84 -38.82
N VAL A 497 34.77 -10.02 -38.55
CA VAL A 497 35.75 -9.68 -39.58
C VAL A 497 36.85 -10.73 -39.67
N LEU A 498 37.45 -11.10 -38.52
CA LEU A 498 38.65 -12.00 -38.49
C LEU A 498 38.37 -13.36 -39.16
N PRO A 499 37.21 -14.04 -38.98
CA PRO A 499 37.01 -15.31 -39.69
C PRO A 499 37.04 -15.17 -41.20
N PHE A 500 36.60 -14.03 -41.74
CA PHE A 500 36.63 -13.81 -43.18
C PHE A 500 37.99 -13.30 -43.66
N CYS A 501 38.87 -12.91 -42.74
CA CYS A 501 40.22 -12.44 -43.09
C CYS A 501 41.21 -13.46 -42.56
N GLU A 502 41.53 -14.46 -43.39
CA GLU A 502 42.45 -15.51 -42.98
C GLU A 502 43.86 -14.96 -42.77
N SER A 503 44.28 -14.00 -43.60
CA SER A 503 45.59 -13.40 -43.49
C SER A 503 45.46 -11.88 -43.56
N SER A 504 46.57 -11.20 -43.30
CA SER A 504 46.70 -9.74 -43.32
C SER A 504 45.84 -9.05 -42.28
N CYS A 505 45.28 -9.78 -41.33
CA CYS A 505 44.47 -9.21 -40.26
C CYS A 505 44.88 -9.81 -38.91
N HIS A 506 46.19 -9.82 -38.65
CA HIS A 506 46.69 -10.32 -37.38
C HIS A 506 46.08 -9.54 -36.23
N MET A 507 45.62 -10.25 -35.20
CA MET A 507 44.92 -9.65 -34.08
C MET A 507 45.83 -9.60 -32.87
N PRO A 508 46.17 -8.42 -32.36
CA PRO A 508 46.97 -8.35 -31.14
C PRO A 508 46.26 -9.02 -29.97
N THR A 509 47.03 -9.70 -29.13
CA THR A 509 46.44 -10.38 -27.97
C THR A 509 45.85 -9.37 -26.98
N LEU A 510 46.51 -8.21 -26.82
CA LEU A 510 46.02 -7.22 -25.88
C LEU A 510 44.63 -6.72 -26.27
N LEU A 511 44.46 -6.30 -27.53
CA LEU A 511 43.18 -5.76 -27.95
C LEU A 511 42.08 -6.82 -27.95
N GLY A 512 42.42 -8.04 -28.36
CA GLY A 512 41.43 -9.11 -28.32
C GLY A 512 40.98 -9.43 -26.92
N ALA A 513 41.92 -9.48 -25.96
CA ALA A 513 41.54 -9.69 -24.57
C ALA A 513 40.72 -8.53 -24.04
N ILE A 514 41.05 -7.30 -24.45
CA ILE A 514 40.32 -6.13 -23.97
C ILE A 514 38.88 -6.18 -24.46
N ILE A 515 38.65 -6.52 -25.73
CA ILE A 515 37.28 -6.55 -26.34
C ILE A 515 36.52 -7.76 -25.76
N ASN A 516 37.18 -8.88 -25.45
CA ASN A 516 36.53 -10.01 -24.79
C ASN A 516 36.09 -9.63 -23.38
N TRP A 517 36.95 -8.94 -22.64
CA TRP A 517 36.60 -8.60 -21.27
C TRP A 517 35.67 -7.39 -21.19
N LEU A 518 35.58 -6.57 -22.23
CA LEU A 518 34.47 -5.62 -22.31
C LEU A 518 33.14 -6.35 -22.44
N GLY A 519 33.09 -7.36 -23.30
CA GLY A 519 31.90 -8.18 -23.38
C GLY A 519 31.56 -8.84 -22.06
N TYR A 520 32.58 -9.35 -21.36
CA TYR A 520 32.36 -10.00 -20.04
C TYR A 520 31.88 -8.97 -19.02
N SER A 521 32.47 -7.77 -19.01
CA SER A 521 32.10 -6.75 -18.04
C SER A 521 30.73 -6.14 -18.33
N ASN A 522 30.17 -6.41 -19.51
CA ASN A 522 28.76 -6.08 -19.71
C ASN A 522 27.88 -6.74 -18.65
N SER A 523 28.23 -7.95 -18.22
CA SER A 523 27.45 -8.64 -17.19
C SER A 523 27.58 -7.96 -15.84
N LEU A 524 28.72 -7.30 -15.58
CA LEU A 524 28.86 -6.52 -14.35
C LEU A 524 28.13 -5.19 -14.45
N LEU A 525 28.13 -4.58 -15.63
CA LEU A 525 27.47 -3.28 -15.81
C LEU A 525 25.95 -3.40 -15.85
N ASN A 526 25.42 -4.54 -16.27
CA ASN A 526 23.97 -4.68 -16.42
C ASN A 526 23.20 -4.47 -15.13
N PRO A 527 23.59 -5.05 -13.97
CA PRO A 527 22.86 -4.73 -12.74
C PRO A 527 22.90 -3.26 -12.37
N VAL A 528 24.00 -2.57 -12.66
CA VAL A 528 24.07 -1.14 -12.40
C VAL A 528 23.09 -0.38 -13.27
N ILE A 529 23.00 -0.75 -14.55
CA ILE A 529 22.14 -0.02 -15.48
C ILE A 529 20.66 -0.29 -15.17
N TYR A 530 20.32 -1.54 -14.90
CA TYR A 530 18.91 -1.94 -14.83
C TYR A 530 18.38 -2.09 -13.41
N ALA A 531 19.24 -2.25 -12.42
CA ALA A 531 18.77 -2.43 -11.04
C ALA A 531 19.25 -1.35 -10.09
N TYR A 532 20.53 -0.96 -10.16
CA TYR A 532 21.06 -0.02 -9.19
C TYR A 532 20.77 1.44 -9.52
N PHE A 533 19.84 1.71 -10.43
CA PHE A 533 19.47 3.08 -10.75
C PHE A 533 18.02 3.43 -10.42
N ASN A 534 17.08 2.52 -10.62
CA ASN A 534 15.68 2.86 -10.37
C ASN A 534 15.42 2.96 -8.88
N LYS A 535 14.42 3.77 -8.53
CA LYS A 535 14.18 4.14 -7.14
C LYS A 535 13.75 2.94 -6.29
N ASP A 536 12.91 2.06 -6.85
CA ASP A 536 12.37 0.97 -6.06
C ASP A 536 13.46 0.02 -5.58
N PHE A 537 14.41 -0.31 -6.45
CA PHE A 537 15.51 -1.19 -6.04
C PHE A 537 16.36 -0.54 -4.97
N GLN A 538 16.65 0.76 -5.12
CA GLN A 538 17.44 1.45 -4.10
C GLN A 538 16.73 1.46 -2.75
N ASN A 539 15.42 1.71 -2.76
CA ASN A 539 14.66 1.69 -1.53
C ASN A 539 14.66 0.31 -0.89
N ALA A 540 14.51 -0.74 -1.71
CA ALA A 540 14.53 -2.10 -1.19
C ALA A 540 15.90 -2.45 -0.60
N PHE A 541 16.98 -2.05 -1.27
CA PHE A 541 18.31 -2.32 -0.75
C PHE A 541 18.56 -1.57 0.55
N LYS A 542 18.11 -0.33 0.64
CA LYS A 542 18.25 0.42 1.89
C LYS A 542 17.43 -0.21 3.01
N LYS A 543 16.24 -0.71 2.68
CA LYS A 543 15.43 -1.40 3.68
C LYS A 543 16.11 -2.68 4.15
N ILE A 544 16.74 -3.41 3.23
CA ILE A 544 17.51 -4.59 3.62
C ILE A 544 18.66 -4.20 4.54
N ILE A 545 19.38 -3.16 4.18
CA ILE A 545 20.52 -2.69 4.97
C ILE A 545 20.04 -1.84 6.13
N THR B 4 0.98 -33.56 11.58
CA THR B 4 1.96 -33.73 10.52
C THR B 4 1.40 -34.60 9.40
N LEU B 5 1.44 -35.92 9.61
CA LEU B 5 0.96 -36.88 8.63
C LEU B 5 -0.50 -37.24 8.82
N SER B 6 -1.18 -36.60 9.77
CA SER B 6 -2.58 -36.92 10.04
C SER B 6 -3.46 -36.45 8.89
N ALA B 7 -4.62 -37.11 8.76
CA ALA B 7 -5.54 -36.78 7.68
C ALA B 7 -6.10 -35.38 7.84
N GLU B 8 -6.42 -34.98 9.07
CA GLU B 8 -7.02 -33.66 9.29
C GLU B 8 -6.03 -32.54 8.96
N ASP B 9 -4.76 -32.72 9.29
CA ASP B 9 -3.76 -31.72 8.93
C ASP B 9 -3.63 -31.60 7.42
N LYS B 10 -3.61 -32.73 6.72
CA LYS B 10 -3.51 -32.69 5.26
C LYS B 10 -4.72 -32.00 4.65
N ALA B 11 -5.92 -32.30 5.17
CA ALA B 11 -7.12 -31.64 4.67
C ALA B 11 -7.07 -30.14 4.92
N ALA B 12 -6.60 -29.74 6.10
CA ALA B 12 -6.49 -28.31 6.40
C ALA B 12 -5.52 -27.61 5.47
N VAL B 13 -4.36 -28.22 5.21
CA VAL B 13 -3.39 -27.60 4.31
C VAL B 13 -3.93 -27.57 2.88
N GLU B 14 -4.66 -28.61 2.47
CA GLU B 14 -5.25 -28.60 1.14
C GLU B 14 -6.29 -27.50 1.00
N ARG B 15 -7.12 -27.31 2.02
CA ARG B 15 -8.10 -26.22 1.99
C ARG B 15 -7.40 -24.86 1.98
N SER B 16 -6.32 -24.72 2.75
CA SER B 16 -5.57 -23.48 2.75
C SER B 16 -4.98 -23.19 1.37
N LYS B 17 -4.44 -24.21 0.71
CA LYS B 17 -3.87 -24.01 -0.62
C LYS B 17 -4.95 -23.67 -1.63
N MET B 18 -6.11 -24.31 -1.56
CA MET B 18 -7.21 -23.97 -2.45
C MET B 18 -7.67 -22.53 -2.23
N ILE B 19 -7.78 -22.12 -0.97
CA ILE B 19 -8.18 -20.75 -0.65
C ILE B 19 -7.14 -19.77 -1.15
N ASP B 20 -5.86 -20.11 -1.02
CA ASP B 20 -4.80 -19.24 -1.52
C ASP B 20 -4.87 -19.11 -3.04
N ARG B 21 -5.15 -20.22 -3.73
CA ARG B 21 -5.30 -20.16 -5.18
C ARG B 21 -6.47 -19.27 -5.57
N ASN B 22 -7.61 -19.41 -4.88
CA ASN B 22 -8.75 -18.55 -5.17
C ASN B 22 -8.43 -17.08 -4.90
N LEU B 23 -7.71 -16.82 -3.82
CA LEU B 23 -7.32 -15.44 -3.50
C LEU B 23 -6.41 -14.86 -4.56
N ARG B 24 -5.43 -15.65 -5.03
CA ARG B 24 -4.53 -15.16 -6.07
C ARG B 24 -5.27 -14.90 -7.37
N GLU B 25 -6.21 -15.79 -7.73
CA GLU B 25 -7.00 -15.58 -8.93
C GLU B 25 -7.84 -14.31 -8.81
N ASP B 26 -8.47 -14.11 -7.65
CA ASP B 26 -9.29 -12.92 -7.45
C ASP B 26 -8.44 -11.65 -7.48
N GLY B 27 -7.24 -11.70 -6.91
CA GLY B 27 -6.37 -10.54 -6.95
C GLY B 27 -5.89 -10.22 -8.35
N GLU B 28 -5.55 -11.24 -9.14
CA GLU B 28 -5.20 -11.01 -10.53
C GLU B 28 -6.36 -10.43 -11.31
N LYS B 29 -7.57 -10.91 -11.06
CA LYS B 29 -8.75 -10.36 -11.74
C LYS B 29 -8.99 -8.91 -11.34
N ALA B 30 -8.79 -8.59 -10.05
CA ALA B 30 -9.02 -7.22 -9.58
C ALA B 30 -7.95 -6.25 -10.03
N ALA B 31 -6.71 -6.72 -10.23
CA ALA B 31 -5.66 -5.85 -10.70
C ALA B 31 -5.86 -5.40 -12.15
N ARG B 32 -6.75 -6.06 -12.89
CA ARG B 32 -7.05 -5.69 -14.27
C ARG B 32 -8.13 -4.63 -14.36
N GLU B 33 -8.36 -3.89 -13.28
CA GLU B 33 -9.41 -2.87 -13.23
C GLU B 33 -8.79 -1.53 -12.88
N VAL B 34 -9.25 -0.48 -13.57
CA VAL B 34 -8.80 0.88 -13.32
C VAL B 34 -9.75 1.50 -12.32
N LYS B 35 -9.21 1.98 -11.20
CA LYS B 35 -10.02 2.54 -10.12
C LYS B 35 -9.93 4.06 -10.16
N LEU B 36 -11.09 4.71 -10.20
CA LEU B 36 -11.20 6.15 -10.23
C LEU B 36 -12.03 6.62 -9.05
N LEU B 37 -11.58 7.69 -8.40
CA LEU B 37 -12.29 8.29 -7.28
C LEU B 37 -13.04 9.51 -7.80
N LEU B 38 -14.34 9.54 -7.57
CA LEU B 38 -15.20 10.63 -8.03
C LEU B 38 -15.49 11.55 -6.85
N LEU B 39 -15.26 12.85 -7.04
CA LEU B 39 -15.37 13.83 -5.99
C LEU B 39 -16.09 15.07 -6.52
N GLY B 40 -16.32 16.03 -5.63
CA GLY B 40 -16.97 17.26 -6.00
C GLY B 40 -17.89 17.79 -4.91
N ALA B 41 -18.55 18.91 -5.17
CA ALA B 41 -19.52 19.46 -4.24
C ALA B 41 -20.84 18.71 -4.32
N GLY B 42 -21.83 19.17 -3.58
CA GLY B 42 -23.12 18.52 -3.54
C GLY B 42 -23.82 18.46 -4.88
N GLU B 43 -24.27 19.62 -5.36
CA GLU B 43 -24.91 19.71 -6.68
C GLU B 43 -23.86 20.20 -7.70
N SER B 44 -22.85 19.34 -7.91
CA SER B 44 -21.72 19.68 -8.77
C SER B 44 -21.71 18.86 -10.05
N GLY B 45 -22.83 18.23 -10.40
CA GLY B 45 -22.90 17.45 -11.62
C GLY B 45 -22.23 16.10 -11.57
N LYS B 46 -21.94 15.58 -10.36
CA LYS B 46 -21.41 14.22 -10.25
C LYS B 46 -22.41 13.20 -10.77
N SER B 47 -23.69 13.37 -10.43
CA SER B 47 -24.72 12.46 -10.90
C SER B 47 -24.84 12.49 -12.41
N THR B 48 -24.73 13.69 -13.01
CA THR B 48 -24.80 13.79 -14.46
C THR B 48 -23.64 13.05 -15.12
N ILE B 49 -22.44 13.19 -14.57
CA ILE B 49 -21.28 12.48 -15.12
C ILE B 49 -21.45 10.98 -14.98
N VAL B 50 -21.92 10.52 -13.82
CA VAL B 50 -22.11 9.09 -13.60
C VAL B 50 -23.13 8.54 -14.60
N LYS B 51 -24.25 9.25 -14.77
CA LYS B 51 -25.26 8.81 -15.71
C LYS B 51 -24.73 8.83 -17.15
N GLN B 52 -23.88 9.81 -17.46
CA GLN B 52 -23.26 9.84 -18.78
C GLN B 52 -22.35 8.64 -19.01
N MET B 53 -21.67 8.17 -17.95
CA MET B 53 -20.86 6.96 -18.07
C MET B 53 -21.74 5.74 -18.33
N LYS B 54 -22.87 5.62 -17.63
CA LYS B 54 -23.74 4.45 -17.74
C LYS B 54 -24.84 4.74 -18.76
N ILE B 55 -24.60 4.31 -20.00
CA ILE B 55 -25.57 4.46 -21.08
C ILE B 55 -26.02 3.11 -21.62
N ILE B 56 -25.07 2.31 -22.13
CA ILE B 56 -25.39 1.00 -22.67
C ILE B 56 -24.42 -0.05 -22.13
N HIS B 57 -23.39 0.38 -21.42
CA HIS B 57 -22.35 -0.51 -20.92
C HIS B 57 -22.24 -0.36 -19.41
N GLU B 58 -22.57 -1.44 -18.69
CA GLU B 58 -22.49 -1.48 -17.24
C GLU B 58 -22.20 -2.92 -16.80
N ALA B 59 -21.83 -3.05 -15.52
CA ALA B 59 -21.51 -4.35 -14.93
C ALA B 59 -20.42 -5.06 -15.71
N GLY B 60 -19.43 -4.31 -16.18
CA GLY B 60 -18.31 -4.87 -16.92
C GLY B 60 -18.69 -5.37 -18.31
N THR B 177 -31.16 -10.60 -0.90
CA THR B 177 -31.78 -9.29 -0.69
C THR B 177 -30.76 -8.28 -0.19
N ARG B 178 -30.01 -7.68 -1.11
CA ARG B 178 -29.02 -6.68 -0.74
C ARG B 178 -29.69 -5.43 -0.18
N VAL B 179 -29.00 -4.78 0.75
CA VAL B 179 -29.50 -3.57 1.39
C VAL B 179 -28.80 -2.37 0.78
N LYS B 180 -29.55 -1.30 0.57
CA LYS B 180 -28.98 -0.08 0.00
C LYS B 180 -27.87 0.47 0.89
N THR B 181 -26.76 0.86 0.29
CA THR B 181 -25.59 1.32 1.04
C THR B 181 -25.68 2.80 1.36
N THR B 182 -25.78 3.65 0.33
CA THR B 182 -25.85 5.10 0.44
C THR B 182 -24.59 5.68 1.06
N GLY B 183 -23.60 4.85 1.37
CA GLY B 183 -22.34 5.31 1.88
C GLY B 183 -21.32 5.50 0.78
N ILE B 184 -21.10 4.47 -0.01
CA ILE B 184 -20.22 4.51 -1.17
C ILE B 184 -20.92 3.81 -2.33
N VAL B 185 -20.83 4.40 -3.51
CA VAL B 185 -21.45 3.86 -4.72
C VAL B 185 -20.36 3.57 -5.73
N GLU B 186 -20.33 2.33 -6.21
CA GLU B 186 -19.35 1.90 -7.20
C GLU B 186 -20.01 1.80 -8.57
N THR B 187 -19.45 2.50 -9.54
CA THR B 187 -19.93 2.44 -10.93
C THR B 187 -18.90 1.67 -11.74
N HIS B 188 -19.33 0.55 -12.32
CA HIS B 188 -18.45 -0.33 -13.08
C HIS B 188 -18.86 -0.23 -14.55
N PHE B 189 -17.97 0.33 -15.37
CA PHE B 189 -18.21 0.43 -16.81
C PHE B 189 -16.95 0.06 -17.56
N THR B 190 -17.13 -0.41 -18.79
CA THR B 190 -16.04 -0.81 -19.66
C THR B 190 -16.06 0.02 -20.93
N PHE B 191 -14.92 0.63 -21.26
CA PHE B 191 -14.79 1.42 -22.46
C PHE B 191 -13.53 1.01 -23.19
N LYS B 192 -13.68 0.54 -24.43
CA LYS B 192 -12.56 0.13 -25.27
C LYS B 192 -11.70 -0.92 -24.58
N ASP B 193 -12.35 -1.97 -24.07
CA ASP B 193 -11.69 -3.12 -23.46
C ASP B 193 -10.91 -2.74 -22.20
N LEU B 194 -11.27 -1.62 -21.57
CA LEU B 194 -10.67 -1.21 -20.32
C LEU B 194 -11.74 -1.17 -19.24
N HIS B 195 -11.50 -1.87 -18.14
CA HIS B 195 -12.47 -1.96 -17.06
C HIS B 195 -12.24 -0.83 -16.06
N PHE B 196 -13.28 -0.05 -15.82
CA PHE B 196 -13.23 1.09 -14.92
C PHE B 196 -14.12 0.83 -13.71
N LYS B 197 -13.61 1.18 -12.53
CA LYS B 197 -14.40 1.20 -11.31
C LYS B 197 -14.34 2.60 -10.72
N MET B 198 -15.48 3.29 -10.70
CA MET B 198 -15.57 4.66 -10.23
C MET B 198 -16.30 4.69 -8.90
N PHE B 199 -15.64 5.22 -7.88
CA PHE B 199 -16.16 5.24 -6.51
C PHE B 199 -16.65 6.64 -6.19
N ASP B 200 -17.94 6.77 -5.90
CA ASP B 200 -18.56 8.03 -5.53
C ASP B 200 -18.72 8.06 -4.02
N VAL B 201 -18.07 9.03 -3.37
CA VAL B 201 -18.10 9.13 -1.92
C VAL B 201 -18.87 10.37 -1.51
N GLY B 202 -19.83 10.79 -2.36
CA GLY B 202 -20.65 11.94 -2.03
C GLY B 202 -21.54 11.70 -0.82
N GLY B 203 -21.99 10.47 -0.62
CA GLY B 203 -22.85 10.13 0.49
C GLY B 203 -22.16 9.94 1.82
N GLN B 204 -20.84 10.09 1.87
CA GLN B 204 -20.08 9.96 3.11
C GLN B 204 -20.03 11.32 3.78
N ARG B 205 -21.00 11.60 4.64
CA ARG B 205 -21.07 12.86 5.38
C ARG B 205 -20.27 12.68 6.67
N SER B 206 -18.96 12.89 6.57
CA SER B 206 -18.06 12.68 7.70
C SER B 206 -16.72 13.33 7.38
N GLU B 207 -15.75 13.19 8.30
CA GLU B 207 -14.39 13.78 8.13
C GLU B 207 -13.64 12.96 7.08
N ARG B 208 -13.12 13.60 6.03
CA ARG B 208 -12.46 12.90 4.94
C ARG B 208 -11.13 12.30 5.36
N LYS B 209 -10.38 12.96 6.24
CA LYS B 209 -9.04 12.51 6.56
C LYS B 209 -9.02 11.15 7.24
N LYS B 210 -10.15 10.70 7.79
CA LYS B 210 -10.22 9.39 8.42
C LYS B 210 -10.49 8.26 7.45
N TRP B 211 -10.85 8.57 6.20
CA TRP B 211 -11.04 7.52 5.21
C TRP B 211 -10.48 7.86 3.83
N ILE B 212 -9.90 9.04 3.64
CA ILE B 212 -9.37 9.39 2.33
C ILE B 212 -8.14 8.57 1.98
N HIS B 213 -7.45 8.00 2.97
CA HIS B 213 -6.30 7.16 2.69
C HIS B 213 -6.69 5.80 2.15
N CYS B 214 -7.96 5.40 2.28
CA CYS B 214 -8.41 4.15 1.71
C CYS B 214 -8.36 4.14 0.19
N PHE B 215 -8.37 5.32 -0.43
CA PHE B 215 -8.35 5.45 -1.88
C PHE B 215 -6.97 5.74 -2.42
N GLU B 216 -5.93 5.66 -1.58
CA GLU B 216 -4.57 5.79 -2.08
C GLU B 216 -4.27 4.66 -3.06
N GLY B 217 -3.72 5.03 -4.22
CA GLY B 217 -3.43 4.07 -5.25
C GLY B 217 -4.43 4.01 -6.39
N VAL B 218 -5.44 4.87 -6.39
CA VAL B 218 -6.34 4.94 -7.54
C VAL B 218 -5.59 5.53 -8.73
N THR B 219 -5.99 5.10 -9.93
CA THR B 219 -5.31 5.57 -11.13
C THR B 219 -5.46 7.07 -11.32
N ALA B 220 -6.66 7.59 -11.09
CA ALA B 220 -6.92 9.02 -11.26
C ALA B 220 -8.10 9.41 -10.40
N ILE B 221 -8.25 10.71 -10.19
CA ILE B 221 -9.34 11.28 -9.42
C ILE B 221 -10.18 12.12 -10.35
N ILE B 222 -11.47 11.81 -10.44
CA ILE B 222 -12.41 12.56 -11.25
C ILE B 222 -13.07 13.59 -10.35
N PHE B 223 -12.60 14.83 -10.43
CA PHE B 223 -13.17 15.94 -9.66
C PHE B 223 -14.19 16.67 -10.51
N CYS B 224 -15.43 16.70 -10.06
CA CYS B 224 -16.52 17.30 -10.79
C CYS B 224 -16.90 18.62 -10.14
N VAL B 225 -16.86 19.70 -10.90
CA VAL B 225 -17.26 21.02 -10.43
C VAL B 225 -18.20 21.65 -11.44
N ALA B 226 -19.28 22.23 -10.94
CA ALA B 226 -20.27 22.90 -11.80
C ALA B 226 -19.83 24.34 -12.01
N LEU B 227 -19.81 24.77 -13.27
CA LEU B 227 -19.42 26.13 -13.58
C LEU B 227 -20.49 27.15 -13.21
N SER B 228 -21.72 26.72 -13.01
CA SER B 228 -22.84 27.63 -12.80
C SER B 228 -23.05 28.00 -11.34
N ASP B 229 -22.27 27.44 -10.41
CA ASP B 229 -22.45 27.71 -8.99
C ASP B 229 -21.61 28.86 -8.51
N TYR B 230 -20.91 29.57 -9.41
CA TYR B 230 -20.15 30.74 -9.01
C TYR B 230 -21.06 31.83 -8.47
N ASP B 231 -22.22 32.02 -9.10
CA ASP B 231 -23.18 33.01 -8.60
C ASP B 231 -23.86 32.52 -7.32
N LEU B 232 -24.16 31.24 -7.25
CA LEU B 232 -24.86 30.68 -6.10
C LEU B 232 -23.97 30.66 -4.86
N VAL B 233 -24.61 30.57 -3.70
CA VAL B 233 -23.93 30.48 -2.42
C VAL B 233 -24.49 29.31 -1.63
N LEU B 234 -23.69 28.82 -0.69
CA LEU B 234 -24.10 27.69 0.13
C LEU B 234 -25.21 28.08 1.09
N ALA B 235 -26.02 27.09 1.47
CA ALA B 235 -27.14 27.33 2.38
C ALA B 235 -26.68 27.52 3.82
N GLU B 236 -25.47 27.05 4.17
CA GLU B 236 -24.98 27.20 5.53
C GLU B 236 -24.77 28.67 5.88
N ASP B 237 -24.20 29.45 4.97
CA ASP B 237 -24.02 30.87 5.18
C ASP B 237 -23.99 31.59 3.84
N GLU B 238 -24.51 32.82 3.83
CA GLU B 238 -24.62 33.57 2.58
C GLU B 238 -23.24 33.99 2.07
N GLU B 239 -22.30 34.28 2.97
CA GLU B 239 -20.98 34.77 2.58
C GLU B 239 -20.02 33.61 2.34
N MET B 240 -20.46 32.68 1.48
CA MET B 240 -19.62 31.54 1.11
C MET B 240 -20.11 31.05 -0.26
N ASN B 241 -19.34 31.36 -1.31
CA ASN B 241 -19.70 30.90 -2.65
C ASN B 241 -19.54 29.40 -2.75
N ARG B 242 -20.40 28.78 -3.58
CA ARG B 242 -20.27 27.36 -3.84
C ARG B 242 -19.03 27.04 -4.67
N MET B 243 -18.70 27.93 -5.61
CA MET B 243 -17.48 27.76 -6.39
C MET B 243 -16.23 27.86 -5.52
N HIS B 244 -16.23 28.76 -4.54
CA HIS B 244 -15.10 28.85 -3.62
C HIS B 244 -14.98 27.59 -2.78
N GLU B 245 -16.11 27.02 -2.35
CA GLU B 245 -16.07 25.75 -1.64
C GLU B 245 -15.51 24.64 -2.51
N SER B 246 -15.90 24.62 -3.79
CA SER B 246 -15.35 23.64 -4.71
C SER B 246 -13.85 23.81 -4.89
N MET B 247 -13.40 25.07 -5.01
CA MET B 247 -11.96 25.33 -5.14
C MET B 247 -11.21 24.91 -3.88
N LYS B 248 -11.78 25.15 -2.71
CA LYS B 248 -11.15 24.72 -1.47
C LYS B 248 -11.07 23.20 -1.39
N LEU B 249 -12.13 22.51 -1.80
CA LEU B 249 -12.11 21.05 -1.82
C LEU B 249 -11.06 20.53 -2.81
N PHE B 250 -10.97 21.16 -3.98
CA PHE B 250 -9.97 20.77 -4.98
C PHE B 250 -8.56 20.97 -4.44
N ASP B 251 -8.32 22.10 -3.79
CA ASP B 251 -7.01 22.36 -3.21
C ASP B 251 -6.68 21.34 -2.12
N SER B 252 -7.65 21.02 -1.27
CA SER B 252 -7.42 20.05 -0.20
C SER B 252 -7.13 18.66 -0.76
N ILE B 253 -7.86 18.25 -1.81
CA ILE B 253 -7.73 16.89 -2.31
C ILE B 253 -6.55 16.73 -3.26
N CYS B 254 -6.13 17.80 -3.93
CA CYS B 254 -5.01 17.74 -4.87
C CYS B 254 -3.66 17.69 -4.17
N ASN B 255 -3.57 18.15 -2.93
CA ASN B 255 -2.29 18.26 -2.23
C ASN B 255 -2.23 17.37 -0.99
N ASN B 256 -3.06 16.33 -0.93
CA ASN B 256 -2.97 15.38 0.17
C ASN B 256 -1.66 14.61 0.10
N LYS B 257 -1.21 14.16 1.27
CA LYS B 257 -0.02 13.30 1.32
C LYS B 257 -0.25 11.94 0.66
N TRP B 258 -1.50 11.55 0.45
CA TRP B 258 -1.80 10.26 -0.19
C TRP B 258 -1.91 10.37 -1.70
N PHE B 259 -2.40 11.50 -2.22
CA PHE B 259 -2.60 11.70 -3.65
C PHE B 259 -1.51 12.57 -4.26
N THR B 260 -0.28 12.45 -3.77
CA THR B 260 0.81 13.24 -4.34
C THR B 260 1.22 12.72 -5.72
N ASP B 261 0.91 11.46 -6.02
CA ASP B 261 1.27 10.84 -7.28
C ASP B 261 0.08 10.70 -8.22
N THR B 262 -1.13 11.00 -7.77
CA THR B 262 -2.35 10.69 -8.50
C THR B 262 -2.79 11.89 -9.34
N SER B 263 -2.93 11.67 -10.64
CA SER B 263 -3.44 12.71 -11.52
C SER B 263 -4.93 12.93 -11.29
N ILE B 264 -5.40 14.11 -11.69
CA ILE B 264 -6.78 14.52 -11.46
C ILE B 264 -7.43 14.82 -12.80
N ILE B 265 -8.59 14.23 -13.03
CA ILE B 265 -9.41 14.50 -14.21
C ILE B 265 -10.51 15.46 -13.79
N LEU B 266 -10.40 16.70 -14.23
CA LEU B 266 -11.32 17.76 -13.82
C LEU B 266 -12.42 17.92 -14.86
N PHE B 267 -13.67 17.88 -14.40
CA PHE B 267 -14.83 18.07 -15.25
C PHE B 267 -15.51 19.38 -14.89
N LEU B 268 -15.66 20.26 -15.87
CA LEU B 268 -16.35 21.53 -15.69
C LEU B 268 -17.74 21.40 -16.28
N ASN B 269 -18.70 21.02 -15.43
CA ASN B 269 -20.06 20.73 -15.87
C ASN B 269 -20.86 22.01 -16.03
N LYS B 270 -22.04 21.86 -16.64
CA LYS B 270 -23.02 22.94 -16.78
C LYS B 270 -22.44 24.12 -17.56
N LYS B 271 -21.98 23.83 -18.78
CA LYS B 271 -21.39 24.88 -19.60
C LYS B 271 -22.46 25.78 -20.20
N ASP B 272 -23.62 25.22 -20.58
CA ASP B 272 -24.69 26.04 -21.14
C ASP B 272 -25.34 26.91 -20.07
N LEU B 273 -25.58 26.33 -18.89
CA LEU B 273 -26.09 27.13 -17.77
C LEU B 273 -25.09 28.21 -17.38
N PHE B 274 -23.80 27.88 -17.40
CA PHE B 274 -22.78 28.88 -17.11
C PHE B 274 -22.80 30.01 -18.14
N GLU B 275 -22.97 29.65 -19.42
CA GLU B 275 -23.03 30.67 -20.47
C GLU B 275 -24.22 31.60 -20.26
N GLU B 276 -25.39 31.03 -19.97
CA GLU B 276 -26.56 31.86 -19.70
C GLU B 276 -26.36 32.74 -18.49
N LYS B 277 -25.79 32.19 -17.41
CA LYS B 277 -25.59 32.95 -16.19
C LYS B 277 -24.63 34.11 -16.42
N ILE B 278 -23.51 33.87 -17.12
CA ILE B 278 -22.57 34.97 -17.36
C ILE B 278 -23.14 35.99 -18.34
N LYS B 279 -24.02 35.57 -19.26
CA LYS B 279 -24.70 36.55 -20.09
C LYS B 279 -25.65 37.39 -19.25
N LYS B 280 -26.17 36.82 -18.16
CA LYS B 280 -27.04 37.56 -17.25
C LYS B 280 -26.26 38.23 -16.12
N SER B 281 -25.41 37.47 -15.41
CA SER B 281 -24.68 37.97 -14.25
C SER B 281 -23.17 37.91 -14.48
N PRO B 282 -22.43 38.95 -14.13
CA PRO B 282 -20.98 38.96 -14.40
C PRO B 282 -20.23 38.01 -13.48
N LEU B 283 -19.03 37.66 -13.91
CA LEU B 283 -18.14 36.77 -13.15
C LEU B 283 -17.37 37.51 -12.07
N THR B 284 -17.45 38.84 -12.02
CA THR B 284 -16.70 39.60 -11.03
C THR B 284 -17.14 39.30 -9.61
N ILE B 285 -18.37 38.81 -9.42
CA ILE B 285 -18.86 38.51 -8.08
C ILE B 285 -18.11 37.31 -7.50
N CYS B 286 -17.86 36.29 -8.31
CA CYS B 286 -17.10 35.14 -7.84
C CYS B 286 -15.62 35.46 -7.72
N TYR B 287 -15.05 36.14 -8.72
CA TYR B 287 -13.64 36.51 -8.72
C TYR B 287 -13.53 38.02 -8.80
N PRO B 288 -13.32 38.69 -7.68
CA PRO B 288 -13.13 40.15 -7.71
C PRO B 288 -11.92 40.58 -8.53
N GLU B 289 -10.88 39.75 -8.58
CA GLU B 289 -9.68 40.08 -9.34
C GLU B 289 -9.85 39.82 -10.84
N TYR B 290 -10.95 39.20 -11.26
CA TYR B 290 -11.16 38.93 -12.67
C TYR B 290 -11.34 40.22 -13.45
N ALA B 291 -10.71 40.29 -14.63
CA ALA B 291 -10.81 41.47 -15.48
C ALA B 291 -10.76 40.99 -16.93
N GLY B 292 -11.94 40.87 -17.54
CA GLY B 292 -12.02 40.43 -18.92
C GLY B 292 -13.44 40.52 -19.42
N SER B 293 -13.59 40.30 -20.72
CA SER B 293 -14.90 40.37 -21.34
C SER B 293 -15.79 39.23 -20.84
N ASN B 294 -17.06 39.53 -20.61
CA ASN B 294 -18.02 38.54 -20.14
C ASN B 294 -18.46 37.69 -21.33
N THR B 295 -17.65 36.68 -21.63
CA THR B 295 -17.93 35.73 -22.70
C THR B 295 -17.61 34.33 -22.18
N TYR B 296 -18.26 33.34 -22.79
CA TYR B 296 -18.09 31.97 -22.30
C TYR B 296 -16.65 31.51 -22.39
N GLU B 297 -15.97 31.81 -23.50
CA GLU B 297 -14.61 31.32 -23.70
C GLU B 297 -13.67 31.86 -22.63
N GLU B 298 -13.66 33.18 -22.45
CA GLU B 298 -12.69 33.80 -21.54
C GLU B 298 -12.98 33.42 -20.10
N ALA B 299 -14.25 33.47 -19.68
CA ALA B 299 -14.60 33.13 -18.30
C ALA B 299 -14.32 31.66 -18.01
N ALA B 300 -14.64 30.77 -18.97
CA ALA B 300 -14.37 29.36 -18.77
C ALA B 300 -12.87 29.10 -18.67
N ALA B 301 -12.08 29.75 -19.52
CA ALA B 301 -10.62 29.61 -19.45
C ALA B 301 -10.09 30.13 -18.12
N TYR B 302 -10.64 31.25 -17.63
CA TYR B 302 -10.20 31.78 -16.35
C TYR B 302 -10.51 30.81 -15.21
N ILE B 303 -11.71 30.21 -15.22
CA ILE B 303 -12.07 29.26 -14.16
C ILE B 303 -11.17 28.03 -14.23
N GLN B 304 -10.92 27.55 -15.46
CA GLN B 304 -10.04 26.36 -15.70
C GLN B 304 -8.63 26.68 -15.18
N CYS B 305 -8.11 27.89 -15.41
CA CYS B 305 -6.79 28.29 -14.94
C CYS B 305 -6.76 28.43 -13.42
N GLN B 306 -7.83 28.97 -12.83
CA GLN B 306 -7.87 29.09 -11.38
C GLN B 306 -7.87 27.72 -10.71
N PHE B 307 -8.59 26.75 -11.28
CA PHE B 307 -8.58 25.41 -10.70
C PHE B 307 -7.25 24.72 -10.91
N GLU B 308 -6.58 24.98 -12.04
CA GLU B 308 -5.28 24.36 -12.28
C GLU B 308 -4.17 24.99 -11.46
N ASP B 309 -4.29 26.26 -11.09
CA ASP B 309 -3.27 26.92 -10.30
C ASP B 309 -3.19 26.42 -8.86
N LEU B 310 -4.17 25.62 -8.42
CA LEU B 310 -4.15 25.06 -7.08
C LEU B 310 -3.29 23.80 -6.99
N ASN B 311 -2.72 23.35 -8.11
CA ASN B 311 -1.87 22.17 -8.13
C ASN B 311 -0.47 22.56 -7.69
N LYS B 312 -0.15 22.28 -6.42
CA LYS B 312 1.19 22.57 -5.92
C LYS B 312 2.19 21.53 -6.40
N ARG B 313 1.73 20.32 -6.71
CA ARG B 313 2.60 19.24 -7.16
C ARG B 313 2.63 19.22 -8.69
N LYS B 314 3.16 20.29 -9.25
CA LYS B 314 3.24 20.43 -10.70
C LYS B 314 4.14 19.38 -11.31
N ASP B 315 5.27 19.09 -10.66
CA ASP B 315 6.26 18.20 -11.26
C ASP B 315 5.85 16.74 -11.21
N THR B 316 4.91 16.38 -10.34
CA THR B 316 4.60 14.96 -10.15
C THR B 316 3.27 14.57 -10.80
N LYS B 317 2.24 15.41 -10.68
CA LYS B 317 0.92 15.07 -11.17
C LYS B 317 0.48 16.06 -12.25
N GLU B 318 -0.51 15.64 -13.05
CA GLU B 318 -1.06 16.46 -14.16
C GLU B 318 -2.58 16.54 -14.00
N ILE B 319 -3.19 17.66 -14.35
CA ILE B 319 -4.64 17.89 -14.27
C ILE B 319 -5.18 17.92 -15.69
N TYR B 320 -6.15 17.04 -15.97
CA TYR B 320 -6.83 16.98 -17.25
C TYR B 320 -8.21 17.62 -17.10
N THR B 321 -8.45 18.70 -17.82
CA THR B 321 -9.69 19.44 -17.71
C THR B 321 -10.53 19.24 -18.97
N HIS B 322 -11.80 18.91 -18.78
CA HIS B 322 -12.75 18.76 -19.86
C HIS B 322 -14.05 19.44 -19.49
N PHE B 323 -14.67 20.10 -20.46
CA PHE B 323 -15.98 20.72 -20.30
C PHE B 323 -17.04 19.70 -20.68
N THR B 324 -17.84 19.28 -19.69
CA THR B 324 -18.82 18.24 -19.93
C THR B 324 -19.81 18.64 -21.01
N CYS B 325 -19.99 17.76 -21.99
CA CYS B 325 -20.82 18.05 -23.15
C CYS B 325 -21.89 16.99 -23.28
N ALA B 326 -22.98 17.36 -23.96
CA ALA B 326 -24.14 16.48 -24.09
C ALA B 326 -23.88 15.28 -24.99
N THR B 327 -22.77 15.27 -25.73
CA THR B 327 -22.48 14.13 -26.61
C THR B 327 -22.27 12.87 -25.77
N ASP B 328 -22.75 11.75 -26.31
CA ASP B 328 -22.88 10.53 -25.52
C ASP B 328 -21.53 10.00 -25.06
N THR B 329 -20.52 9.99 -25.93
CA THR B 329 -19.28 9.28 -25.67
C THR B 329 -18.06 10.17 -25.49
N LYS B 330 -18.21 11.49 -25.55
CA LYS B 330 -17.03 12.36 -25.47
C LYS B 330 -16.45 12.41 -24.06
N ASN B 331 -17.30 12.42 -23.03
CA ASN B 331 -16.79 12.48 -21.67
C ASN B 331 -16.10 11.18 -21.29
N VAL B 332 -16.69 10.04 -21.62
CA VAL B 332 -16.05 8.75 -21.35
C VAL B 332 -14.78 8.61 -22.17
N GLN B 333 -14.78 9.13 -23.40
CA GLN B 333 -13.58 9.11 -24.22
C GLN B 333 -12.47 9.95 -23.58
N PHE B 334 -12.83 11.11 -23.04
CA PHE B 334 -11.83 11.94 -22.36
C PHE B 334 -11.27 11.22 -21.13
N VAL B 335 -12.14 10.56 -20.37
CA VAL B 335 -11.67 9.81 -19.21
C VAL B 335 -10.73 8.70 -19.65
N PHE B 336 -11.08 7.98 -20.72
CA PHE B 336 -10.24 6.91 -21.22
C PHE B 336 -8.89 7.43 -21.69
N ASP B 337 -8.89 8.56 -22.41
CA ASP B 337 -7.63 9.14 -22.86
C ASP B 337 -6.77 9.58 -21.70
N ALA B 338 -7.37 10.21 -20.69
CA ALA B 338 -6.61 10.62 -19.52
C ALA B 338 -6.03 9.43 -18.78
N VAL B 339 -6.81 8.35 -18.64
CA VAL B 339 -6.33 7.17 -17.93
C VAL B 339 -5.19 6.50 -18.69
N THR B 340 -5.34 6.36 -20.01
CA THR B 340 -4.27 5.76 -20.80
C THR B 340 -3.01 6.62 -20.77
N ASP B 341 -3.18 7.94 -20.82
CA ASP B 341 -2.04 8.85 -20.70
C ASP B 341 -1.35 8.70 -19.34
N VAL B 342 -2.14 8.56 -18.27
CA VAL B 342 -1.57 8.37 -16.94
C VAL B 342 -0.79 7.07 -16.86
N ILE B 343 -1.35 5.99 -17.41
CA ILE B 343 -0.68 4.70 -17.38
C ILE B 343 0.61 4.74 -18.18
N ILE B 344 0.57 5.35 -19.37
CA ILE B 344 1.76 5.44 -20.21
C ILE B 344 2.84 6.27 -19.52
N LYS B 345 2.45 7.39 -18.90
CA LYS B 345 3.45 8.22 -18.23
C LYS B 345 4.01 7.53 -17.00
N ASN B 346 3.18 6.76 -16.29
CA ASN B 346 3.70 5.97 -15.16
C ASN B 346 4.72 4.94 -15.63
N ASN B 347 4.43 4.27 -16.76
CA ASN B 347 5.39 3.32 -17.31
C ASN B 347 6.67 4.02 -17.73
N LEU B 348 6.55 5.22 -18.32
CA LEU B 348 7.74 5.97 -18.71
C LEU B 348 8.57 6.39 -17.50
N LYS B 349 7.90 6.80 -16.42
CA LYS B 349 8.61 7.14 -15.19
C LYS B 349 9.33 5.92 -14.62
N ASP B 350 8.68 4.76 -14.64
CA ASP B 350 9.32 3.55 -14.17
C ASP B 350 10.53 3.20 -15.02
N CYS B 351 10.42 3.39 -16.34
CA CYS B 351 11.54 3.11 -17.24
C CYS B 351 12.65 4.13 -17.13
N GLY B 352 12.42 5.24 -16.42
CA GLY B 352 13.39 6.31 -16.34
C GLY B 352 13.35 7.29 -17.48
N LEU B 353 12.22 7.40 -18.18
CA LEU B 353 12.10 8.22 -19.37
C LEU B 353 11.12 9.37 -19.20
N PHE B 354 10.76 9.72 -17.96
CA PHE B 354 9.80 10.77 -17.71
C PHE B 354 10.03 11.41 -16.34
N ASP C 23 -28.70 30.53 24.24
CA ASP C 23 -29.35 31.05 25.44
C ASP C 23 -28.33 31.25 26.56
N GLN C 24 -28.82 31.36 27.79
CA GLN C 24 -27.98 31.51 28.96
C GLN C 24 -27.56 30.18 29.57
N LEU C 25 -27.89 29.06 28.92
CA LEU C 25 -27.53 27.75 29.46
C LEU C 25 -26.03 27.50 29.40
N ARG C 26 -25.29 28.26 28.59
CA ARG C 26 -23.83 28.09 28.55
C ARG C 26 -23.19 28.47 29.87
N GLN C 27 -23.79 29.40 30.61
CA GLN C 27 -23.22 29.80 31.89
C GLN C 27 -23.22 28.64 32.88
N GLU C 28 -24.36 27.99 33.07
CA GLU C 28 -24.37 26.86 33.99
C GLU C 28 -23.70 25.64 33.37
N ALA C 29 -23.61 25.57 32.05
CA ALA C 29 -22.84 24.49 31.42
C ALA C 29 -21.37 24.59 31.80
N GLU C 30 -20.78 25.79 31.66
CA GLU C 30 -19.39 25.95 32.05
C GLU C 30 -19.22 25.89 33.56
N GLN C 31 -20.24 26.29 34.32
CA GLN C 31 -20.19 26.11 35.77
C GLN C 31 -20.11 24.64 36.14
N LEU C 32 -20.91 23.80 35.47
CA LEU C 32 -20.86 22.37 35.73
C LEU C 32 -19.54 21.77 35.26
N LYS C 33 -19.00 22.26 34.15
CA LYS C 33 -17.68 21.81 33.71
C LYS C 33 -16.62 22.14 34.74
N ASN C 34 -16.66 23.35 35.30
CA ASN C 34 -15.71 23.74 36.34
C ASN C 34 -15.91 22.90 37.60
N GLN C 35 -17.16 22.60 37.96
CA GLN C 35 -17.41 21.76 39.12
C GLN C 35 -16.85 20.36 38.92
N ILE C 36 -17.02 19.80 37.72
CA ILE C 36 -16.47 18.48 37.42
C ILE C 36 -14.95 18.50 37.50
N ARG C 37 -14.33 19.55 36.93
CA ARG C 37 -12.88 19.65 36.97
C ARG C 37 -12.38 19.78 38.41
N ASP C 38 -13.08 20.57 39.22
CA ASP C 38 -12.68 20.73 40.62
C ASP C 38 -12.82 19.42 41.39
N ALA C 39 -13.88 18.67 41.14
CA ALA C 39 -14.05 17.38 41.78
C ALA C 39 -12.93 16.42 41.37
N ARG C 40 -12.58 16.41 40.08
CA ARG C 40 -11.50 15.55 39.61
C ARG C 40 -10.17 15.93 40.24
N LYS C 41 -9.91 17.23 40.36
CA LYS C 41 -8.67 17.68 41.00
C LYS C 41 -8.66 17.31 42.48
N ALA C 42 -9.81 17.43 43.15
CA ALA C 42 -9.88 17.06 44.56
C ALA C 42 -9.64 15.57 44.76
N CYS C 43 -10.15 14.73 43.85
CA CYS C 43 -9.90 13.31 43.95
C CYS C 43 -8.47 12.93 43.58
N ALA C 44 -7.70 13.84 43.00
CA ALA C 44 -6.31 13.59 42.63
C ALA C 44 -5.41 13.99 43.79
N ASP C 45 -4.97 13.01 44.56
CA ASP C 45 -4.04 13.23 45.68
C ASP C 45 -2.61 12.89 45.33
N ALA C 46 -2.39 11.76 44.67
CA ALA C 46 -1.07 11.35 44.23
C ALA C 46 -1.17 10.78 42.83
N THR C 47 -0.19 11.11 41.98
CA THR C 47 -0.17 10.58 40.63
C THR C 47 0.17 9.09 40.65
N LEU C 48 -0.12 8.42 39.53
CA LEU C 48 0.15 6.99 39.43
C LEU C 48 1.64 6.71 39.54
N SER C 49 2.49 7.56 38.97
CA SER C 49 3.93 7.34 39.03
C SER C 49 4.43 7.32 40.47
N GLN C 50 3.95 8.25 41.30
CA GLN C 50 4.37 8.28 42.69
C GLN C 50 3.93 7.02 43.43
N ILE C 51 2.73 6.53 43.13
CA ILE C 51 2.23 5.32 43.79
C ILE C 51 3.05 4.11 43.38
N THR C 52 3.45 4.05 42.10
CA THR C 52 4.12 2.88 41.55
C THR C 52 5.63 3.03 41.48
N ASN C 53 6.20 4.05 42.13
CA ASN C 53 7.63 4.31 42.00
C ASN C 53 8.47 3.14 42.52
N ASN C 54 8.06 2.52 43.63
CA ASN C 54 8.83 1.44 44.22
C ASN C 54 8.81 0.15 43.39
N ILE C 55 7.95 0.08 42.39
CA ILE C 55 7.86 -1.14 41.57
C ILE C 55 9.13 -1.28 40.74
N ASP C 56 9.70 -2.48 40.73
CA ASP C 56 10.85 -2.75 39.89
C ASP C 56 10.43 -2.78 38.42
N PRO C 57 11.28 -2.27 37.52
CA PRO C 57 10.90 -2.18 36.11
C PRO C 57 10.66 -3.56 35.51
N VAL C 58 9.72 -3.62 34.57
CA VAL C 58 9.44 -4.87 33.88
C VAL C 58 10.62 -5.30 33.03
N GLY C 59 11.46 -4.35 32.61
CA GLY C 59 12.67 -4.64 31.88
C GLY C 59 12.44 -4.75 30.38
N ARG C 60 13.57 -4.82 29.66
CA ARG C 60 13.53 -4.88 28.21
C ARG C 60 12.96 -6.23 27.77
N ILE C 61 12.03 -6.18 26.83
CA ILE C 61 11.20 -7.33 26.47
C ILE C 61 11.52 -7.75 25.04
N GLN C 62 11.80 -9.04 24.86
CA GLN C 62 12.25 -9.63 23.60
C GLN C 62 11.09 -10.37 22.96
N MET C 63 10.61 -9.85 21.83
CA MET C 63 9.60 -10.53 21.02
C MET C 63 10.09 -10.64 19.58
N ARG C 64 9.92 -11.82 18.99
CA ARG C 64 10.27 -12.07 17.61
C ARG C 64 9.06 -12.58 16.85
N THR C 65 8.97 -12.26 15.56
CA THR C 65 7.88 -12.74 14.74
C THR C 65 7.89 -14.27 14.70
N ARG C 66 6.78 -14.88 15.09
CA ARG C 66 6.64 -16.33 15.11
C ARG C 66 5.85 -16.86 13.92
N ARG C 67 4.78 -16.18 13.53
CA ARG C 67 4.02 -16.54 12.34
C ARG C 67 3.82 -15.29 11.50
N THR C 68 3.93 -15.44 10.19
CA THR C 68 3.66 -14.36 9.24
C THR C 68 2.55 -14.82 8.32
N LEU C 69 1.33 -14.33 8.57
CA LEU C 69 0.13 -14.77 7.81
C LEU C 69 0.14 -14.01 6.48
N ARG C 70 0.19 -14.70 5.34
CA ARG C 70 0.29 -14.14 4.01
C ARG C 70 -0.93 -14.53 3.19
N GLY C 71 -1.32 -13.65 2.28
CA GLY C 71 -2.47 -13.92 1.45
C GLY C 71 -3.31 -12.69 1.14
N HIS C 72 -3.26 -11.68 2.01
CA HIS C 72 -3.93 -10.42 1.73
C HIS C 72 -3.15 -9.66 0.66
N LEU C 73 -3.88 -9.03 -0.26
CA LEU C 73 -3.28 -8.33 -1.39
C LEU C 73 -3.51 -6.82 -1.34
N ALA C 74 -3.87 -6.29 -0.18
CA ALA C 74 -4.08 -4.86 -0.02
C ALA C 74 -3.84 -4.51 1.45
N LYS C 75 -4.01 -3.23 1.78
CA LYS C 75 -3.80 -2.78 3.15
C LYS C 75 -4.80 -3.46 4.09
N ILE C 76 -4.30 -3.86 5.25
CA ILE C 76 -5.13 -4.50 6.27
C ILE C 76 -5.54 -3.43 7.27
N TYR C 77 -6.85 -3.33 7.50
CA TYR C 77 -7.40 -2.29 8.38
C TYR C 77 -7.87 -2.81 9.72
N ALA C 78 -8.12 -4.11 9.86
CA ALA C 78 -8.62 -4.62 11.13
C ALA C 78 -8.31 -6.09 11.26
N MET C 79 -8.18 -6.53 12.52
CA MET C 79 -8.08 -7.94 12.84
C MET C 79 -8.72 -8.15 14.20
N HIS C 80 -9.09 -9.39 14.48
CA HIS C 80 -9.68 -9.71 15.78
C HIS C 80 -9.43 -11.18 16.08
N TRP C 81 -8.98 -11.43 17.31
CA TRP C 81 -8.66 -12.78 17.77
C TRP C 81 -9.94 -13.51 18.17
N GLY C 82 -9.92 -14.82 18.06
CA GLY C 82 -10.98 -15.63 18.62
C GLY C 82 -10.82 -15.82 20.12
N THR C 83 -11.91 -16.25 20.76
CA THR C 83 -11.83 -16.56 22.18
C THR C 83 -11.00 -17.81 22.43
N ASP C 84 -10.80 -18.64 21.40
CA ASP C 84 -9.96 -19.82 21.51
C ASP C 84 -8.48 -19.50 21.38
N SER C 85 -8.13 -18.24 21.09
CA SER C 85 -6.75 -17.78 21.03
C SER C 85 -5.96 -18.47 19.91
N ARG C 86 -6.66 -19.03 18.94
CA ARG C 86 -5.99 -19.70 17.82
C ARG C 86 -6.45 -19.18 16.47
N LEU C 87 -7.75 -18.94 16.33
CA LEU C 87 -8.32 -18.46 15.05
C LEU C 87 -8.47 -16.95 15.11
N LEU C 88 -7.99 -16.22 14.10
CA LEU C 88 -8.19 -14.75 14.07
C LEU C 88 -8.79 -14.35 12.72
N VAL C 89 -9.57 -13.26 12.71
CA VAL C 89 -10.16 -12.75 11.43
C VAL C 89 -9.42 -11.47 11.04
N SER C 90 -9.11 -11.30 9.75
CA SER C 90 -8.50 -10.06 9.27
C SER C 90 -9.30 -9.51 8.10
N ALA C 91 -9.36 -8.19 8.03
CA ALA C 91 -10.08 -7.48 6.98
C ALA C 91 -9.11 -6.59 6.23
N SER C 92 -9.22 -6.57 4.91
CA SER C 92 -8.32 -5.81 4.07
C SER C 92 -9.07 -5.26 2.87
N GLN C 93 -8.45 -4.29 2.20
CA GLN C 93 -9.09 -3.55 1.13
C GLN C 93 -9.35 -4.36 -0.12
N ASP C 94 -8.79 -5.57 -0.24
CA ASP C 94 -9.07 -6.42 -1.39
C ASP C 94 -10.42 -7.10 -1.29
N GLY C 95 -11.28 -6.68 -0.37
CA GLY C 95 -12.60 -7.26 -0.23
C GLY C 95 -12.60 -8.70 0.23
N LYS C 96 -11.67 -9.07 1.11
CA LYS C 96 -11.59 -10.42 1.64
C LYS C 96 -11.58 -10.37 3.16
N LEU C 97 -12.23 -11.36 3.76
CA LEU C 97 -12.31 -11.51 5.21
C LEU C 97 -11.79 -12.91 5.53
N ILE C 98 -10.49 -13.01 5.79
CA ILE C 98 -9.81 -14.30 5.92
C ILE C 98 -9.81 -14.71 7.38
N ILE C 99 -10.27 -15.93 7.65
CA ILE C 99 -10.18 -16.55 8.96
C ILE C 99 -8.91 -17.38 9.00
N TRP C 100 -7.93 -16.94 9.78
CA TRP C 100 -6.66 -17.64 9.84
C TRP C 100 -6.65 -18.66 10.97
N ASP C 101 -5.68 -19.57 10.90
CA ASP C 101 -5.34 -20.47 11.99
C ASP C 101 -3.90 -20.15 12.38
N SER C 102 -3.74 -19.32 13.41
CA SER C 102 -2.42 -18.76 13.70
C SER C 102 -1.41 -19.83 14.07
N TYR C 103 -1.85 -20.94 14.65
CA TYR C 103 -0.91 -21.99 15.06
C TYR C 103 -0.23 -22.61 13.85
N THR C 104 -0.97 -22.87 12.78
CA THR C 104 -0.44 -23.57 11.61
C THR C 104 -0.39 -22.70 10.36
N THR C 105 -0.75 -21.41 10.47
CA THR C 105 -0.75 -20.50 9.33
C THR C 105 -1.61 -21.04 8.19
N ASN C 106 -2.81 -21.48 8.53
CA ASN C 106 -3.74 -22.04 7.56
C ASN C 106 -4.95 -21.13 7.43
N LYS C 107 -5.39 -20.92 6.19
CA LYS C 107 -6.58 -20.11 5.93
C LYS C 107 -7.81 -20.99 6.07
N VAL C 108 -8.52 -20.84 7.19
CA VAL C 108 -9.74 -21.62 7.41
C VAL C 108 -10.85 -21.16 6.46
N HIS C 109 -11.00 -19.84 6.31
CA HIS C 109 -12.04 -19.27 5.46
C HIS C 109 -11.50 -18.06 4.74
N ALA C 110 -12.15 -17.72 3.63
CA ALA C 110 -11.87 -16.47 2.91
C ALA C 110 -13.20 -15.96 2.37
N ILE C 111 -13.78 -15.01 3.07
CA ILE C 111 -15.13 -14.51 2.79
C ILE C 111 -15.01 -13.36 1.80
N PRO C 112 -15.64 -13.45 0.62
CA PRO C 112 -15.64 -12.32 -0.31
C PRO C 112 -16.68 -11.28 0.13
N LEU C 113 -16.22 -10.06 0.34
CA LEU C 113 -17.11 -8.99 0.79
C LEU C 113 -17.79 -8.32 -0.38
N ARG C 114 -19.05 -7.94 -0.18
CA ARG C 114 -19.79 -7.23 -1.22
C ARG C 114 -19.18 -5.86 -1.50
N SER C 115 -18.74 -5.17 -0.45
CA SER C 115 -18.02 -3.91 -0.59
C SER C 115 -16.58 -4.11 -0.12
N SER C 116 -15.64 -3.83 -1.01
CA SER C 116 -14.22 -4.02 -0.70
C SER C 116 -13.69 -2.98 0.28
N TRP C 117 -14.45 -1.93 0.55
CA TRP C 117 -14.01 -0.87 1.47
C TRP C 117 -14.44 -1.29 2.88
N VAL C 118 -13.61 -2.10 3.52
CA VAL C 118 -13.86 -2.59 4.86
C VAL C 118 -12.78 -2.04 5.77
N MET C 119 -13.18 -1.46 6.92
CA MET C 119 -12.22 -0.83 7.88
C MET C 119 -12.45 -1.38 9.30
N THR C 120 -13.28 -2.42 9.49
CA THR C 120 -13.41 -3.03 10.79
C THR C 120 -13.83 -4.49 10.62
N CYS C 121 -13.48 -5.32 11.59
CA CYS C 121 -13.95 -6.69 11.63
C CYS C 121 -13.95 -7.16 13.07
N ALA C 122 -14.86 -8.10 13.36
CA ALA C 122 -14.97 -8.67 14.69
C ALA C 122 -15.27 -10.15 14.56
N TYR C 123 -14.80 -10.91 15.53
CA TYR C 123 -15.01 -12.36 15.56
C TYR C 123 -15.83 -12.66 16.81
N ALA C 124 -16.95 -13.36 16.63
CA ALA C 124 -17.88 -13.53 17.74
C ALA C 124 -17.25 -14.34 18.87
N PRO C 125 -17.63 -14.06 20.12
CA PRO C 125 -17.10 -14.86 21.24
C PRO C 125 -17.42 -16.33 21.13
N SER C 126 -18.59 -16.68 20.61
CA SER C 126 -18.93 -18.08 20.38
C SER C 126 -18.19 -18.67 19.20
N GLY C 127 -17.59 -17.85 18.35
CA GLY C 127 -16.90 -18.33 17.18
C GLY C 127 -17.78 -18.71 16.01
N ASN C 128 -19.08 -18.45 16.11
CA ASN C 128 -20.01 -18.84 15.06
C ASN C 128 -20.18 -17.79 13.98
N TYR C 129 -19.99 -16.51 14.31
CA TYR C 129 -20.24 -15.42 13.39
C TYR C 129 -19.05 -14.49 13.32
N VAL C 130 -18.96 -13.79 12.19
CA VAL C 130 -17.94 -12.76 11.98
C VAL C 130 -18.63 -11.54 11.37
N ALA C 131 -18.27 -10.36 11.86
CA ALA C 131 -18.83 -9.11 11.36
C ALA C 131 -17.73 -8.29 10.70
N CYS C 132 -18.15 -7.43 9.76
CA CYS C 132 -17.24 -6.49 9.13
C CYS C 132 -18.05 -5.31 8.62
N GLY C 133 -17.36 -4.19 8.43
CA GLY C 133 -17.99 -2.99 7.93
C GLY C 133 -16.93 -2.00 7.49
N GLY C 134 -17.38 -0.97 6.80
CA GLY C 134 -16.44 -0.02 6.24
C GLY C 134 -17.04 1.27 5.72
N LEU C 135 -16.58 1.71 4.55
CA LEU C 135 -17.09 2.95 3.98
C LEU C 135 -18.58 2.85 3.67
N ASP C 136 -19.01 1.69 3.21
CA ASP C 136 -20.44 1.38 3.22
C ASP C 136 -20.92 1.33 4.67
N ASN C 137 -22.11 1.87 4.92
CA ASN C 137 -22.59 2.08 6.27
C ASN C 137 -23.31 0.85 6.83
N ILE C 138 -22.97 -0.33 6.35
CA ILE C 138 -23.66 -1.58 6.71
C ILE C 138 -22.69 -2.46 7.47
N CYS C 139 -23.15 -3.02 8.58
CA CYS C 139 -22.40 -4.05 9.32
C CYS C 139 -22.90 -5.42 8.90
N SER C 140 -22.07 -6.15 8.16
CA SER C 140 -22.43 -7.44 7.61
C SER C 140 -22.06 -8.54 8.61
N ILE C 141 -23.01 -9.42 8.91
CA ILE C 141 -22.80 -10.55 9.81
C ILE C 141 -22.70 -11.80 8.96
N TYR C 142 -21.60 -12.53 9.11
CA TYR C 142 -21.35 -13.74 8.34
C TYR C 142 -21.43 -14.95 9.26
N ASN C 143 -22.20 -15.96 8.84
CA ASN C 143 -22.35 -17.19 9.61
C ASN C 143 -21.25 -18.16 9.20
N LEU C 144 -20.32 -18.41 10.11
CA LEU C 144 -19.21 -19.30 9.81
C LEU C 144 -19.64 -20.77 9.84
N LYS C 145 -20.31 -21.17 10.91
CA LYS C 145 -20.69 -22.57 11.12
C LYS C 145 -22.10 -22.78 10.58
N THR C 146 -22.19 -23.42 9.42
CA THR C 146 -23.46 -23.73 8.78
C THR C 146 -23.47 -25.18 8.37
N ARG C 147 -24.66 -25.66 7.98
CA ARG C 147 -24.80 -27.07 7.62
C ARG C 147 -23.99 -27.45 6.40
N GLU C 148 -23.94 -26.59 5.38
CA GLU C 148 -23.24 -26.88 4.15
C GLU C 148 -21.75 -26.56 4.21
N GLY C 149 -21.29 -25.92 5.29
CA GLY C 149 -19.88 -25.60 5.43
C GLY C 149 -19.41 -24.41 4.63
N ASN C 150 -20.31 -23.67 4.00
CA ASN C 150 -19.95 -22.51 3.20
C ASN C 150 -20.48 -21.25 3.87
N VAL C 151 -19.61 -20.26 4.07
CA VAL C 151 -19.98 -19.06 4.79
C VAL C 151 -20.96 -18.24 3.97
N ARG C 152 -21.99 -17.72 4.62
CA ARG C 152 -23.03 -16.94 3.99
C ARG C 152 -23.32 -15.70 4.83
N VAL C 153 -23.84 -14.67 4.18
CA VAL C 153 -24.19 -13.43 4.87
C VAL C 153 -25.43 -13.70 5.72
N SER C 154 -25.28 -13.66 7.04
CA SER C 154 -26.41 -13.90 7.92
C SER C 154 -27.37 -12.73 7.92
N ARG C 155 -26.90 -11.55 8.34
CA ARG C 155 -27.70 -10.33 8.31
C ARG C 155 -26.79 -9.17 7.93
N GLU C 156 -27.38 -8.17 7.26
CA GLU C 156 -26.70 -6.89 6.90
C GLU C 156 -27.37 -5.82 7.75
N LEU C 157 -26.68 -5.21 8.71
CA LEU C 157 -27.22 -4.26 9.67
C LEU C 157 -27.05 -2.86 9.11
N ALA C 158 -28.15 -2.24 8.69
CA ALA C 158 -28.13 -0.91 8.10
C ALA C 158 -28.89 0.06 8.99
N GLY C 159 -28.52 1.33 8.89
CA GLY C 159 -29.12 2.36 9.70
C GLY C 159 -28.14 3.45 10.09
N HIS C 160 -26.85 3.15 10.02
CA HIS C 160 -25.85 4.19 10.20
C HIS C 160 -25.79 5.09 8.98
N THR C 161 -25.53 6.37 9.22
CA THR C 161 -25.37 7.34 8.14
C THR C 161 -23.91 7.71 7.91
N GLY C 162 -22.98 6.99 8.53
CA GLY C 162 -21.56 7.20 8.29
C GLY C 162 -20.85 5.87 8.23
N TYR C 163 -19.58 5.91 7.83
CA TYR C 163 -18.80 4.69 7.69
C TYR C 163 -18.66 3.98 9.03
N LEU C 164 -18.79 2.65 9.02
CA LEU C 164 -18.69 1.83 10.26
C LEU C 164 -17.21 1.78 10.65
N SER C 165 -16.84 2.31 11.82
CA SER C 165 -15.48 2.37 12.30
C SER C 165 -15.07 1.16 13.12
N CYS C 166 -15.95 0.65 13.97
CA CYS C 166 -15.65 -0.50 14.80
C CYS C 166 -16.94 -1.22 15.12
N CYS C 167 -16.82 -2.53 15.34
CA CYS C 167 -17.95 -3.35 15.73
C CYS C 167 -17.44 -4.45 16.65
N ARG C 168 -18.18 -4.71 17.72
CA ARG C 168 -17.82 -5.76 18.66
C ARG C 168 -19.07 -6.58 18.98
N PHE C 169 -18.94 -7.90 18.92
CA PHE C 169 -20.05 -8.79 19.21
C PHE C 169 -20.30 -8.74 20.71
N LEU C 170 -21.36 -8.05 21.11
CA LEU C 170 -21.74 -8.04 22.52
C LEU C 170 -22.15 -9.44 22.97
N ASP C 171 -22.72 -10.22 22.07
CA ASP C 171 -23.18 -11.57 22.35
C ASP C 171 -23.33 -12.28 21.00
N ASP C 172 -23.80 -13.52 21.02
CA ASP C 172 -24.08 -14.24 19.79
C ASP C 172 -25.23 -13.63 19.00
N ASN C 173 -26.06 -12.80 19.64
CA ASN C 173 -27.18 -12.16 18.98
C ASN C 173 -27.13 -10.64 19.03
N GLN C 174 -26.30 -10.06 19.89
CA GLN C 174 -26.17 -8.62 20.01
C GLN C 174 -24.77 -8.19 19.55
N ILE C 175 -24.71 -7.09 18.82
CA ILE C 175 -23.45 -6.50 18.39
C ILE C 175 -23.56 -4.99 18.54
N VAL C 176 -22.49 -4.38 19.05
CA VAL C 176 -22.42 -2.93 19.24
C VAL C 176 -21.47 -2.37 18.20
N THR C 177 -21.92 -1.34 17.51
CA THR C 177 -21.18 -0.76 16.39
C THR C 177 -20.84 0.68 16.71
N SER C 178 -19.80 1.20 16.12
CA SER C 178 -19.47 2.62 16.15
C SER C 178 -19.18 3.06 14.73
N SER C 179 -19.75 4.21 14.35
CA SER C 179 -19.61 4.67 12.94
C SER C 179 -19.18 6.15 12.88
N GLY C 180 -18.87 6.64 11.67
CA GLY C 180 -18.43 8.04 11.49
C GLY C 180 -19.62 8.99 11.40
N ASP C 181 -20.71 8.69 12.11
CA ASP C 181 -21.86 9.63 12.15
C ASP C 181 -21.99 10.12 13.60
N THR C 182 -20.89 10.09 14.37
CA THR C 182 -20.86 10.55 15.79
C THR C 182 -21.81 9.71 16.66
N THR C 183 -22.24 8.53 16.20
CA THR C 183 -23.24 7.77 17.01
C THR C 183 -22.92 6.27 17.07
N CYS C 184 -22.87 5.69 18.27
CA CYS C 184 -22.70 4.25 18.42
C CYS C 184 -24.09 3.64 18.56
N ALA C 185 -24.24 2.40 18.08
CA ALA C 185 -25.53 1.74 18.08
C ALA C 185 -25.40 0.33 18.63
N LEU C 186 -26.48 -0.15 19.23
CA LEU C 186 -26.61 -1.54 19.67
C LEU C 186 -27.64 -2.21 18.79
N TRP C 187 -27.21 -3.30 18.14
CA TRP C 187 -28.05 -4.03 17.16
C TRP C 187 -28.62 -5.31 17.74
N ASP C 188 -29.76 -5.73 17.25
CA ASP C 188 -30.32 -7.05 17.50
C ASP C 188 -30.23 -7.82 16.19
N ILE C 189 -29.28 -8.76 16.11
CA ILE C 189 -29.00 -9.42 14.84
C ILE C 189 -30.19 -10.24 14.37
N GLU C 190 -30.93 -10.85 15.30
CA GLU C 190 -32.08 -11.65 14.93
C GLU C 190 -33.15 -10.80 14.24
N THR C 191 -33.36 -9.58 14.73
CA THR C 191 -34.35 -8.68 14.13
C THR C 191 -33.72 -7.77 13.09
N GLY C 192 -32.51 -7.28 13.34
CA GLY C 192 -31.85 -6.36 12.44
C GLY C 192 -32.06 -4.89 12.74
N GLN C 193 -32.70 -4.57 13.86
CA GLN C 193 -33.02 -3.20 14.22
C GLN C 193 -32.10 -2.71 15.33
N GLN C 194 -31.94 -1.40 15.41
CA GLN C 194 -31.12 -0.77 16.44
C GLN C 194 -31.87 -0.78 17.75
N THR C 195 -31.46 -1.65 18.69
CA THR C 195 -32.09 -1.67 20.00
C THR C 195 -31.82 -0.36 20.76
N THR C 196 -30.59 0.14 20.68
CA THR C 196 -30.22 1.36 21.39
C THR C 196 -29.22 2.13 20.55
N THR C 197 -29.41 3.44 20.48
CA THR C 197 -28.49 4.34 19.80
C THR C 197 -27.81 5.24 20.82
N PHE C 198 -26.49 5.24 20.83
CA PHE C 198 -25.70 6.00 21.79
C PHE C 198 -25.23 7.29 21.14
N THR C 199 -25.82 8.41 21.56
CA THR C 199 -25.50 9.72 21.00
C THR C 199 -24.86 10.58 22.09
N GLY C 200 -24.11 11.58 21.63
CA GLY C 200 -23.41 12.46 22.54
C GLY C 200 -22.03 12.86 22.05
N HIS C 201 -21.44 12.04 21.19
CA HIS C 201 -20.16 12.37 20.61
C HIS C 201 -20.30 13.51 19.60
N THR C 202 -19.32 14.41 19.59
CA THR C 202 -19.32 15.56 18.70
C THR C 202 -18.61 15.28 17.38
N GLY C 203 -17.70 14.31 17.35
CA GLY C 203 -16.94 13.99 16.16
C GLY C 203 -17.08 12.53 15.82
N ASP C 204 -16.43 12.13 14.73
CA ASP C 204 -16.55 10.76 14.24
C ASP C 204 -16.03 9.79 15.29
N VAL C 205 -16.81 8.77 15.59
CA VAL C 205 -16.40 7.74 16.55
C VAL C 205 -15.47 6.77 15.82
N MET C 206 -14.26 6.60 16.35
CA MET C 206 -13.23 5.83 15.67
C MET C 206 -13.00 4.45 16.24
N SER C 207 -13.23 4.24 17.53
CA SER C 207 -12.89 2.97 18.15
C SER C 207 -13.93 2.62 19.19
N LEU C 208 -13.90 1.37 19.61
CA LEU C 208 -14.90 0.84 20.53
C LEU C 208 -14.29 -0.36 21.24
N SER C 209 -14.56 -0.47 22.55
CA SER C 209 -14.08 -1.58 23.34
C SER C 209 -15.13 -1.96 24.37
N LEU C 210 -15.40 -3.25 24.49
CA LEU C 210 -16.37 -3.75 25.45
C LEU C 210 -15.68 -4.09 26.76
N ALA C 211 -16.36 -3.79 27.86
CA ALA C 211 -15.84 -4.15 29.17
C ALA C 211 -15.91 -5.67 29.34
N PRO C 212 -14.99 -6.26 30.11
CA PRO C 212 -15.00 -7.71 30.30
C PRO C 212 -16.29 -8.24 30.88
N ASP C 213 -16.99 -7.46 31.70
CA ASP C 213 -18.25 -7.89 32.30
C ASP C 213 -19.42 -7.81 31.33
N THR C 214 -19.20 -7.30 30.12
CA THR C 214 -20.21 -7.25 29.06
C THR C 214 -21.43 -6.45 29.50
N ARG C 215 -21.17 -5.32 30.18
CA ARG C 215 -22.22 -4.41 30.60
C ARG C 215 -21.94 -2.96 30.20
N LEU C 216 -20.69 -2.62 29.94
CA LEU C 216 -20.29 -1.26 29.61
C LEU C 216 -19.35 -1.30 28.41
N PHE C 217 -19.23 -0.17 27.73
CA PHE C 217 -18.23 -0.04 26.68
C PHE C 217 -17.82 1.41 26.55
N VAL C 218 -16.59 1.61 26.07
CA VAL C 218 -16.03 2.94 25.85
C VAL C 218 -15.83 3.13 24.36
N SER C 219 -15.99 4.38 23.91
CA SER C 219 -15.80 4.73 22.52
C SER C 219 -14.95 5.98 22.42
N GLY C 220 -13.90 5.92 21.62
CA GLY C 220 -13.04 7.05 21.36
C GLY C 220 -13.38 7.67 20.01
N ALA C 221 -13.75 8.95 20.04
CA ALA C 221 -14.24 9.64 18.86
C ALA C 221 -13.24 10.69 18.40
N CYS C 222 -13.60 11.38 17.31
CA CYS C 222 -12.74 12.39 16.72
C CYS C 222 -12.81 13.73 17.45
N ASP C 223 -13.70 13.88 18.42
CA ASP C 223 -13.76 15.09 19.23
C ASP C 223 -12.77 15.08 20.38
N ALA C 224 -11.74 14.24 20.31
CA ALA C 224 -10.68 14.15 21.31
C ALA C 224 -11.25 13.84 22.69
N SER C 225 -12.25 12.96 22.74
CA SER C 225 -12.84 12.56 24.01
C SER C 225 -13.27 11.10 23.92
N ALA C 226 -13.32 10.45 25.06
CA ALA C 226 -13.80 9.08 25.18
C ALA C 226 -14.95 9.05 26.17
N LYS C 227 -15.99 8.30 25.83
CA LYS C 227 -17.19 8.24 26.64
C LYS C 227 -17.48 6.81 27.06
N LEU C 228 -17.92 6.64 28.29
CA LEU C 228 -18.32 5.35 28.83
C LEU C 228 -19.84 5.23 28.73
N TRP C 229 -20.30 4.17 28.08
CA TRP C 229 -21.71 3.97 27.83
C TRP C 229 -22.23 2.77 28.61
N ASP C 230 -23.48 2.87 29.04
CA ASP C 230 -24.20 1.75 29.64
C ASP C 230 -24.98 1.04 28.55
N VAL C 231 -24.70 -0.24 28.34
CA VAL C 231 -25.34 -0.98 27.26
C VAL C 231 -26.83 -1.11 27.50
N ARG C 232 -27.22 -1.52 28.70
CA ARG C 232 -28.64 -1.71 29.01
C ARG C 232 -29.37 -0.38 29.10
N GLU C 233 -28.80 0.59 29.81
CA GLU C 233 -29.49 1.84 30.05
C GLU C 233 -29.36 2.83 28.90
N GLY C 234 -28.29 2.73 28.13
CA GLY C 234 -28.13 3.53 26.93
C GLY C 234 -27.91 5.03 27.11
N MET C 235 -27.10 5.42 28.08
CA MET C 235 -26.65 6.81 28.18
C MET C 235 -25.18 6.84 28.58
N CYS C 236 -24.54 7.97 28.30
CA CYS C 236 -23.13 8.15 28.57
C CYS C 236 -22.93 8.36 30.07
N ARG C 237 -22.27 7.40 30.72
CA ARG C 237 -22.00 7.55 32.15
C ARG C 237 -20.91 8.60 32.41
N GLN C 238 -19.82 8.56 31.64
CA GLN C 238 -18.68 9.41 31.92
C GLN C 238 -18.05 9.85 30.60
N THR C 239 -17.38 11.00 30.65
CA THR C 239 -16.65 11.55 29.52
C THR C 239 -15.24 11.89 29.95
N PHE C 240 -14.26 11.44 29.18
CA PHE C 240 -12.85 11.65 29.50
C PHE C 240 -12.22 12.47 28.39
N THR C 241 -11.72 13.65 28.74
CA THR C 241 -11.17 14.60 27.76
C THR C 241 -9.74 14.93 28.18
N GLY C 242 -8.79 14.16 27.67
CA GLY C 242 -7.39 14.43 27.96
C GLY C 242 -6.54 14.60 26.72
N HIS C 243 -6.98 14.04 25.60
CA HIS C 243 -6.18 14.05 24.38
C HIS C 243 -6.28 15.40 23.68
N GLU C 244 -5.25 15.69 22.87
CA GLU C 244 -5.19 16.92 22.09
C GLU C 244 -5.59 16.73 20.64
N SER C 245 -5.89 15.49 20.22
CA SER C 245 -6.31 15.22 18.86
C SER C 245 -7.31 14.07 18.88
N ASP C 246 -7.77 13.67 17.70
CA ASP C 246 -8.78 12.62 17.60
C ASP C 246 -8.23 11.27 18.06
N ILE C 247 -9.06 10.55 18.81
CA ILE C 247 -8.70 9.24 19.37
C ILE C 247 -8.99 8.18 18.33
N ASN C 248 -7.98 7.38 18.00
CA ASN C 248 -8.09 6.34 16.98
C ASN C 248 -8.23 4.94 17.56
N ALA C 249 -7.89 4.73 18.83
CA ALA C 249 -7.92 3.41 19.41
C ALA C 249 -8.35 3.50 20.87
N ILE C 250 -9.02 2.47 21.37
CA ILE C 250 -9.51 2.40 22.78
C ILE C 250 -9.52 0.92 23.18
N CYS C 251 -9.22 0.61 24.45
CA CYS C 251 -9.18 -0.74 24.96
C CYS C 251 -9.28 -0.70 26.47
N PHE C 252 -10.20 -1.49 27.04
CA PHE C 252 -10.28 -1.61 28.49
C PHE C 252 -9.06 -2.30 29.07
N PHE C 253 -8.73 -1.90 30.30
CA PHE C 253 -7.82 -2.66 31.13
C PHE C 253 -8.46 -4.02 31.43
N PRO C 254 -7.65 -5.08 31.57
CA PRO C 254 -8.24 -6.41 31.85
C PRO C 254 -9.07 -6.43 33.12
N ASN C 255 -8.78 -5.54 34.08
CA ASN C 255 -9.60 -5.45 35.28
C ASN C 255 -11.02 -4.99 34.94
N GLY C 256 -11.14 -4.08 33.98
CA GLY C 256 -12.41 -3.50 33.62
C GLY C 256 -12.71 -2.16 34.25
N ASN C 257 -11.82 -1.64 35.10
CA ASN C 257 -12.00 -0.35 35.74
C ASN C 257 -11.13 0.73 35.13
N ALA C 258 -10.49 0.44 33.99
CA ALA C 258 -9.63 1.44 33.34
C ALA C 258 -9.61 1.18 31.83
N PHE C 259 -9.04 2.09 31.06
CA PHE C 259 -8.93 1.89 29.60
C PHE C 259 -7.81 2.77 29.04
N ALA C 260 -7.18 2.34 27.96
CA ALA C 260 -6.11 3.15 27.32
C ALA C 260 -6.61 3.65 25.97
N THR C 261 -6.24 4.87 25.62
CA THR C 261 -6.71 5.48 24.35
C THR C 261 -5.52 5.90 23.50
N GLY C 262 -5.56 5.58 22.21
CA GLY C 262 -4.50 6.02 21.29
C GLY C 262 -5.03 7.10 20.37
N SER C 263 -4.24 8.13 20.08
CA SER C 263 -4.73 9.24 19.28
C SER C 263 -3.65 9.69 18.30
N ASP C 264 -4.01 10.66 17.47
CA ASP C 264 -3.06 11.29 16.56
C ASP C 264 -2.13 12.26 17.27
N ASP C 265 -2.38 12.48 18.57
CA ASP C 265 -1.51 13.38 19.38
C ASP C 265 -0.19 12.66 19.65
N ALA C 266 -0.01 11.46 19.09
CA ALA C 266 1.21 10.65 19.34
C ALA C 266 1.36 10.36 20.83
N THR C 267 0.22 10.26 21.54
CA THR C 267 0.23 10.00 23.01
C THR C 267 -0.79 8.93 23.37
N CYS C 268 -0.46 8.05 24.30
CA CYS C 268 -1.46 7.05 24.79
C CYS C 268 -1.86 7.47 26.20
N ARG C 269 -3.15 7.42 26.55
CA ARG C 269 -3.56 7.94 27.89
C ARG C 269 -4.38 6.89 28.65
N LEU C 270 -3.97 6.57 29.88
CA LEU C 270 -4.69 5.60 30.70
C LEU C 270 -5.71 6.36 31.54
N PHE C 271 -6.99 6.06 31.33
CA PHE C 271 -8.08 6.66 32.09
C PHE C 271 -8.68 5.62 33.01
N ASP C 272 -9.12 6.06 34.18
CA ASP C 272 -9.71 5.17 35.17
C ASP C 272 -11.18 5.53 35.34
N LEU C 273 -12.03 4.50 35.28
CA LEU C 273 -13.48 4.71 35.38
C LEU C 273 -13.86 5.25 36.76
N ARG C 274 -13.29 4.67 37.82
CA ARG C 274 -13.68 5.08 39.16
C ARG C 274 -13.07 6.43 39.54
N ALA C 275 -11.82 6.67 39.17
CA ALA C 275 -11.21 7.97 39.40
C ALA C 275 -11.72 9.03 38.45
N ASP C 276 -12.41 8.63 37.36
CA ASP C 276 -13.03 9.55 36.37
C ASP C 276 -12.01 10.55 35.83
N GLN C 277 -10.76 10.15 35.59
CA GLN C 277 -9.78 11.03 34.97
C GLN C 277 -8.57 10.22 34.53
N GLU C 278 -7.61 10.91 33.94
CA GLU C 278 -6.41 10.31 33.36
C GLU C 278 -5.40 9.97 34.45
N LEU C 279 -4.77 8.81 34.30
CA LEU C 279 -3.77 8.34 35.25
C LEU C 279 -2.35 8.50 34.72
N MET C 280 -2.10 8.08 33.48
CA MET C 280 -0.76 8.06 32.94
C MET C 280 -0.81 8.49 31.47
N THR C 281 0.28 9.09 31.01
CA THR C 281 0.46 9.46 29.60
C THR C 281 1.66 8.71 29.06
N TYR C 282 1.47 8.03 27.93
CA TYR C 282 2.51 7.21 27.32
C TYR C 282 2.97 7.93 26.05
N SER C 283 3.98 8.77 26.19
CA SER C 283 4.52 9.54 25.07
C SER C 283 6.04 9.61 25.17
N HIS C 284 6.67 9.75 24.01
CA HIS C 284 8.12 9.89 23.93
C HIS C 284 8.45 11.00 22.96
N ASP C 285 9.65 11.57 23.12
CA ASP C 285 10.11 12.62 22.22
C ASP C 285 10.39 12.11 20.81
N ASN C 286 10.66 10.82 20.65
CA ASN C 286 11.03 10.25 19.36
C ASN C 286 9.84 9.79 18.54
N ILE C 287 8.63 9.87 19.07
CA ILE C 287 7.42 9.47 18.36
C ILE C 287 6.56 10.71 18.17
N ILE C 288 6.23 11.00 16.91
CA ILE C 288 5.39 12.15 16.56
C ILE C 288 4.28 11.68 15.64
N CYS C 289 4.14 10.36 15.50
CA CYS C 289 3.15 9.71 14.61
C CYS C 289 1.99 9.23 15.48
N GLY C 290 0.76 9.32 14.99
CA GLY C 290 -0.40 8.91 15.76
C GLY C 290 -0.46 7.41 15.99
N ILE C 291 -1.22 7.03 17.01
CA ILE C 291 -1.46 5.64 17.34
C ILE C 291 -2.71 5.17 16.62
N THR C 292 -2.64 4.01 15.97
CA THR C 292 -3.76 3.43 15.27
C THR C 292 -4.42 2.28 15.99
N SER C 293 -3.75 1.67 16.97
CA SER C 293 -4.27 0.49 17.64
C SER C 293 -3.69 0.41 19.03
N VAL C 294 -4.51 -0.04 19.97
CA VAL C 294 -4.13 -0.15 21.37
C VAL C 294 -4.73 -1.42 21.94
N SER C 295 -3.93 -2.19 22.69
CA SER C 295 -4.46 -3.30 23.47
C SER C 295 -3.52 -3.55 24.65
N PHE C 296 -4.06 -4.23 25.66
CA PHE C 296 -3.33 -4.57 26.86
C PHE C 296 -2.89 -6.02 26.82
N SER C 297 -1.89 -6.34 27.64
CA SER C 297 -1.51 -7.72 27.84
C SER C 297 -2.54 -8.40 28.75
N LYS C 298 -2.34 -9.69 29.02
CA LYS C 298 -3.31 -10.43 29.83
C LYS C 298 -3.37 -9.89 31.25
N SER C 299 -2.23 -9.55 31.83
CA SER C 299 -2.19 -9.01 33.18
C SER C 299 -2.41 -7.51 33.23
N GLY C 300 -2.35 -6.81 32.10
CA GLY C 300 -2.51 -5.38 32.08
C GLY C 300 -1.25 -4.58 32.30
N ARG C 301 -0.13 -5.23 32.62
CA ARG C 301 1.11 -4.51 32.85
C ARG C 301 1.70 -3.96 31.56
N LEU C 302 1.50 -4.64 30.44
CA LEU C 302 2.01 -4.21 29.16
C LEU C 302 0.90 -3.54 28.36
N LEU C 303 1.20 -2.37 27.79
CA LEU C 303 0.30 -1.67 26.89
C LEU C 303 0.94 -1.64 25.51
N LEU C 304 0.35 -2.38 24.56
CA LEU C 304 0.88 -2.48 23.22
C LEU C 304 0.13 -1.52 22.32
N ALA C 305 0.87 -0.71 21.56
CA ALA C 305 0.28 0.31 20.70
C ALA C 305 0.93 0.28 19.33
N GLY C 306 0.11 0.30 18.29
CA GLY C 306 0.59 0.38 16.93
C GLY C 306 0.66 1.83 16.47
N TYR C 307 1.69 2.15 15.69
CA TYR C 307 1.98 3.54 15.33
C TYR C 307 1.98 3.69 13.82
N ASP C 308 1.98 4.94 13.34
CA ASP C 308 1.99 5.23 11.87
C ASP C 308 3.42 5.06 11.32
N ASP C 309 4.45 4.85 12.17
CA ASP C 309 5.81 4.63 11.70
C ASP C 309 6.15 3.15 11.60
N PHE C 310 5.17 2.32 11.22
CA PHE C 310 5.31 0.87 11.06
C PHE C 310 6.11 0.24 12.20
N ASN C 311 5.82 0.69 13.42
CA ASN C 311 6.40 0.12 14.62
C ASN C 311 5.32 -0.03 15.67
N CYS C 312 5.51 -1.00 16.56
CA CYS C 312 4.66 -1.20 17.71
C CYS C 312 5.51 -1.09 18.96
N ASN C 313 5.13 -0.18 19.87
CA ASN C 313 5.87 0.06 21.09
C ASN C 313 5.14 -0.60 22.25
N VAL C 314 5.87 -1.42 23.01
CA VAL C 314 5.34 -2.05 24.21
C VAL C 314 5.65 -1.12 25.38
N TRP C 315 4.59 -0.65 26.04
CA TRP C 315 4.73 0.30 27.13
C TRP C 315 4.49 -0.39 28.46
N ASP C 316 5.33 -0.06 29.44
CA ASP C 316 5.08 -0.45 30.82
C ASP C 316 3.88 0.36 31.30
N ALA C 317 2.70 -0.26 31.32
CA ALA C 317 1.47 0.47 31.57
C ALA C 317 1.47 1.14 32.93
N LEU C 318 2.25 0.61 33.88
CA LEU C 318 2.36 1.23 35.20
C LEU C 318 3.57 2.14 35.33
N LYS C 319 4.40 2.26 34.30
CA LYS C 319 5.63 3.04 34.40
C LYS C 319 5.81 4.08 33.31
N ALA C 320 5.03 4.02 32.22
CA ALA C 320 5.18 4.93 31.09
C ALA C 320 6.58 4.91 30.51
N ASP C 321 7.23 3.75 30.60
CA ASP C 321 8.54 3.52 30.01
C ASP C 321 8.41 2.45 28.94
N ARG C 322 8.95 2.72 27.76
CA ARG C 322 8.93 1.73 26.70
C ARG C 322 9.71 0.49 27.11
N ALA C 323 9.10 -0.67 26.94
CA ALA C 323 9.74 -1.92 27.28
C ALA C 323 10.22 -2.70 26.08
N GLY C 324 9.77 -2.34 24.88
CA GLY C 324 10.22 -3.03 23.68
C GLY C 324 9.57 -2.39 22.46
N VAL C 325 10.11 -2.75 21.30
CA VAL C 325 9.61 -2.26 20.01
C VAL C 325 9.42 -3.46 19.10
N LEU C 326 8.23 -3.60 18.53
CA LEU C 326 7.95 -4.68 17.59
C LEU C 326 8.12 -4.19 16.15
N ALA C 327 9.37 -3.95 15.78
CA ALA C 327 9.70 -3.61 14.41
C ALA C 327 9.60 -4.86 13.53
N GLY C 328 9.29 -4.64 12.26
CA GLY C 328 9.13 -5.75 11.33
C GLY C 328 8.05 -5.53 10.30
N HIS C 329 7.22 -4.52 10.48
CA HIS C 329 6.23 -4.15 9.48
C HIS C 329 6.79 -3.09 8.55
N ASP C 330 6.20 -2.94 7.36
CA ASP C 330 6.80 -2.02 6.36
C ASP C 330 5.99 -0.74 6.15
N ASN C 331 4.65 -0.82 6.17
CA ASN C 331 3.85 0.40 5.82
C ASN C 331 3.35 1.11 7.08
N ARG C 332 2.41 0.52 7.82
CA ARG C 332 1.81 1.21 9.00
C ARG C 332 0.98 0.20 9.81
N VAL C 333 1.33 0.00 11.09
CA VAL C 333 0.57 -0.94 11.92
C VAL C 333 -0.82 -0.34 12.13
N SER C 334 -1.83 -0.95 11.51
CA SER C 334 -3.19 -0.45 11.57
C SER C 334 -4.08 -1.19 12.55
N CYS C 335 -3.79 -2.46 12.82
CA CYS C 335 -4.59 -3.26 13.76
C CYS C 335 -3.64 -4.07 14.64
N LEU C 336 -4.12 -4.39 15.83
CA LEU C 336 -3.27 -5.02 16.84
C LEU C 336 -4.15 -5.59 17.94
N GLY C 337 -3.88 -6.83 18.31
CA GLY C 337 -4.68 -7.48 19.33
C GLY C 337 -3.91 -8.56 20.03
N VAL C 338 -4.32 -8.83 21.27
CA VAL C 338 -3.69 -9.83 22.12
C VAL C 338 -4.70 -10.93 22.41
N THR C 339 -4.24 -12.18 22.39
CA THR C 339 -5.12 -13.32 22.62
C THR C 339 -5.72 -13.25 24.03
N ASP C 340 -6.86 -13.91 24.20
CA ASP C 340 -7.50 -13.96 25.51
C ASP C 340 -6.60 -14.67 26.52
N ASP C 341 -5.95 -15.76 26.11
CA ASP C 341 -4.97 -16.40 26.96
C ASP C 341 -3.66 -15.63 27.07
N GLY C 342 -3.49 -14.58 26.27
CA GLY C 342 -2.33 -13.72 26.37
C GLY C 342 -1.04 -14.31 25.85
N MET C 343 -1.11 -15.42 25.12
CA MET C 343 0.11 -16.08 24.67
C MET C 343 0.85 -15.25 23.63
N ALA C 344 0.12 -14.61 22.72
CA ALA C 344 0.74 -13.90 21.61
C ALA C 344 -0.04 -12.65 21.28
N VAL C 345 0.61 -11.73 20.58
CA VAL C 345 0.00 -10.51 20.07
C VAL C 345 0.16 -10.51 18.56
N ALA C 346 -0.92 -10.20 17.85
CA ALA C 346 -0.92 -10.15 16.40
C ALA C 346 -1.04 -8.70 15.94
N THR C 347 -0.15 -8.29 15.06
CA THR C 347 -0.18 -6.96 14.48
C THR C 347 -0.30 -7.06 12.97
N GLY C 348 -1.39 -6.52 12.44
CA GLY C 348 -1.58 -6.41 11.00
C GLY C 348 -1.28 -5.00 10.55
N SER C 349 -0.69 -4.88 9.36
CA SER C 349 -0.26 -3.55 8.88
C SER C 349 -0.74 -3.30 7.45
N TRP C 350 -0.49 -2.11 6.91
CA TRP C 350 -0.88 -1.78 5.52
C TRP C 350 0.04 -2.49 4.52
N ASP C 351 1.02 -3.25 5.02
CA ASP C 351 1.97 -3.99 4.14
C ASP C 351 1.34 -5.33 3.71
N SER C 352 0.06 -5.57 4.04
CA SER C 352 -0.67 -6.81 3.65
C SER C 352 -0.07 -8.05 4.33
N PHE C 353 0.52 -7.87 5.52
CA PHE C 353 1.06 -9.03 6.29
C PHE C 353 0.63 -8.95 7.75
N LEU C 354 0.12 -10.05 8.31
CA LEU C 354 -0.23 -10.09 9.75
C LEU C 354 0.87 -10.86 10.48
N LYS C 355 1.41 -10.30 11.57
CA LYS C 355 2.56 -10.96 12.23
C LYS C 355 2.22 -11.35 13.67
N ILE C 356 2.37 -12.63 14.01
CA ILE C 356 2.19 -13.09 15.38
C ILE C 356 3.52 -13.00 16.09
N TRP C 357 3.54 -12.37 17.26
CA TRP C 357 4.79 -12.01 17.92
C TRP C 357 5.12 -12.90 19.11
N ASN C 358 4.24 -13.02 20.08
CA ASN C 358 4.47 -13.91 21.22
C ASN C 358 5.79 -13.59 21.94
N SER D 8 -30.73 26.25 18.45
CA SER D 8 -29.98 25.19 19.11
C SER D 8 -30.11 25.30 20.64
N ILE D 9 -31.32 25.57 21.11
CA ILE D 9 -31.56 25.70 22.54
C ILE D 9 -32.08 24.39 23.14
N ALA D 10 -32.83 23.61 22.37
CA ALA D 10 -33.35 22.34 22.88
C ALA D 10 -32.21 21.39 23.23
N GLN D 11 -31.16 21.35 22.40
CA GLN D 11 -30.01 20.50 22.70
C GLN D 11 -29.22 21.01 23.90
N ALA D 12 -29.30 22.30 24.21
CA ALA D 12 -28.59 22.83 25.37
C ALA D 12 -29.14 22.26 26.67
N ARG D 13 -30.47 22.09 26.76
CA ARG D 13 -31.06 21.46 27.94
C ARG D 13 -30.57 20.02 28.09
N LYS D 14 -30.52 19.27 27.00
CA LYS D 14 -30.02 17.90 27.06
C LYS D 14 -28.56 17.86 27.48
N LEU D 15 -27.75 18.79 26.95
CA LEU D 15 -26.34 18.83 27.31
C LEU D 15 -26.15 19.15 28.78
N VAL D 16 -26.88 20.15 29.30
CA VAL D 16 -26.73 20.51 30.70
C VAL D 16 -27.24 19.39 31.60
N GLU D 17 -28.29 18.68 31.19
CA GLU D 17 -28.75 17.53 31.95
C GLU D 17 -27.70 16.44 31.96
N GLN D 18 -27.04 16.20 30.83
CA GLN D 18 -25.96 15.21 30.77
C GLN D 18 -24.82 15.59 31.69
N LEU D 19 -24.41 16.86 31.68
CA LEU D 19 -23.32 17.29 32.56
C LEU D 19 -23.70 17.16 34.03
N LYS D 20 -24.92 17.55 34.39
CA LYS D 20 -25.30 17.44 35.80
C LYS D 20 -25.50 16.00 36.23
N MET D 21 -25.86 15.09 35.31
CA MET D 21 -25.91 13.68 35.66
C MET D 21 -24.53 13.08 35.77
N GLU D 22 -23.58 13.54 34.95
CA GLU D 22 -22.20 13.09 35.06
C GLU D 22 -21.52 13.58 36.32
N ALA D 23 -21.86 14.78 36.78
CA ALA D 23 -21.19 15.40 37.93
C ALA D 23 -21.64 14.83 39.27
N ASN D 24 -22.67 13.99 39.30
CA ASN D 24 -23.20 13.45 40.54
C ASN D 24 -22.76 12.02 40.81
N ILE D 25 -21.77 11.53 40.09
CA ILE D 25 -21.28 10.16 40.30
C ILE D 25 -20.30 10.15 41.47
N ASP D 26 -20.15 8.98 42.08
CA ASP D 26 -19.20 8.83 43.17
C ASP D 26 -17.81 8.56 42.62
N ARG D 27 -16.81 9.28 43.15
CA ARG D 27 -15.40 9.17 42.69
C ARG D 27 -14.52 8.72 43.86
N ILE D 28 -13.47 7.93 43.61
CA ILE D 28 -12.53 7.45 44.61
C ILE D 28 -11.21 8.19 44.42
N LYS D 29 -10.37 8.10 45.44
CA LYS D 29 -9.06 8.75 45.39
C LYS D 29 -8.19 8.09 44.33
N VAL D 30 -7.35 8.89 43.68
CA VAL D 30 -6.47 8.38 42.65
C VAL D 30 -5.44 7.42 43.24
N SER D 31 -5.05 7.63 44.50
CA SER D 31 -4.16 6.68 45.15
C SER D 31 -4.81 5.29 45.24
N LYS D 32 -6.10 5.25 45.58
CA LYS D 32 -6.81 3.98 45.64
C LYS D 32 -6.87 3.31 44.27
N ALA D 33 -7.15 4.09 43.23
CA ALA D 33 -7.23 3.53 41.89
C ALA D 33 -5.88 2.99 41.43
N ALA D 34 -4.81 3.74 41.68
CA ALA D 34 -3.48 3.28 41.33
C ALA D 34 -3.11 2.02 42.10
N ALA D 35 -3.47 1.96 43.39
CA ALA D 35 -3.21 0.76 44.18
C ALA D 35 -3.98 -0.43 43.64
N ASP D 36 -5.21 -0.23 43.16
CA ASP D 36 -6.07 -1.33 42.64
C ASP D 36 -5.54 -1.78 41.28
N LEU D 37 -4.91 -0.89 40.49
CA LEU D 37 -4.25 -1.32 39.25
C LEU D 37 -2.95 -2.06 39.55
N MET D 38 -2.18 -1.59 40.52
CA MET D 38 -0.96 -2.30 40.93
C MET D 38 -1.28 -3.69 41.44
N ALA D 39 -2.32 -3.81 42.26
CA ALA D 39 -2.69 -5.13 42.81
C ALA D 39 -3.11 -6.08 41.70
N TYR D 40 -3.89 -5.58 40.74
CA TYR D 40 -4.31 -6.44 39.62
C TYR D 40 -3.12 -6.85 38.78
N CYS D 41 -2.19 -5.93 38.53
CA CYS D 41 -1.03 -6.26 37.69
C CYS D 41 -0.12 -7.26 38.39
N GLU D 42 0.08 -7.12 39.70
CA GLU D 42 0.97 -8.02 40.42
C GLU D 42 0.32 -9.37 40.70
N ALA D 43 -1.01 -9.41 40.85
CA ALA D 43 -1.67 -10.67 41.14
C ALA D 43 -1.72 -11.57 39.91
N HIS D 44 -1.81 -10.97 38.72
CA HIS D 44 -1.90 -11.71 37.48
C HIS D 44 -0.61 -11.70 36.68
N ALA D 45 0.49 -11.24 37.29
CA ALA D 45 1.76 -11.19 36.58
C ALA D 45 2.28 -12.58 36.24
N LYS D 46 2.10 -13.55 37.15
CA LYS D 46 2.58 -14.90 36.89
C LYS D 46 1.81 -15.57 35.76
N GLU D 47 0.59 -15.10 35.48
CA GLU D 47 -0.26 -15.68 34.46
C GLU D 47 -0.17 -14.94 33.12
N ASP D 48 0.86 -14.11 32.94
CA ASP D 48 0.99 -13.30 31.73
C ASP D 48 2.12 -13.85 30.87
N PRO D 49 1.81 -14.56 29.77
CA PRO D 49 2.88 -15.11 28.94
C PRO D 49 3.78 -14.07 28.30
N LEU D 50 3.26 -12.89 27.98
CA LEU D 50 4.06 -11.90 27.29
C LEU D 50 5.07 -11.24 28.22
N LEU D 51 4.69 -10.98 29.46
CA LEU D 51 5.58 -10.30 30.40
C LEU D 51 6.74 -11.21 30.80
N THR D 52 6.45 -12.45 31.19
CA THR D 52 7.46 -13.44 31.52
C THR D 52 7.54 -14.44 30.38
N PRO D 53 8.67 -14.52 29.66
CA PRO D 53 8.74 -15.44 28.52
C PRO D 53 8.45 -16.88 28.93
N VAL D 54 7.68 -17.57 28.11
CA VAL D 54 7.26 -18.94 28.40
C VAL D 54 8.23 -19.89 27.71
N PRO D 55 8.58 -21.02 28.32
CA PRO D 55 9.46 -21.98 27.65
C PRO D 55 8.82 -22.53 26.39
N ALA D 56 9.67 -22.88 25.42
CA ALA D 56 9.20 -23.35 24.13
C ALA D 56 8.46 -24.68 24.20
N SER D 57 8.58 -25.41 25.31
CA SER D 57 7.88 -26.68 25.44
C SER D 57 6.37 -26.49 25.43
N GLU D 58 5.87 -25.47 26.12
CA GLU D 58 4.45 -25.18 26.20
C GLU D 58 4.08 -23.90 25.46
N ASN D 59 4.93 -23.47 24.52
CA ASN D 59 4.65 -22.31 23.69
C ASN D 59 3.96 -22.77 22.42
N PRO D 60 2.67 -22.50 22.24
CA PRO D 60 1.97 -23.05 21.06
C PRO D 60 2.46 -22.50 19.73
N PHE D 61 3.13 -21.35 19.74
CA PHE D 61 3.58 -20.73 18.50
C PHE D 61 5.02 -21.07 18.15
N ARG D 62 5.71 -21.87 18.96
CA ARG D 62 7.06 -22.29 18.65
C ARG D 62 7.17 -23.80 18.47
N GLU D 63 6.71 -24.58 19.45
CA GLU D 63 6.79 -26.03 19.38
C GLU D 63 5.46 -26.63 19.85
N LYS D 64 5.08 -27.74 19.24
CA LYS D 64 3.83 -28.42 19.60
C LYS D 64 3.90 -29.00 21.00
N1 7LD E . 27.54 -14.71 -28.43
N3 7LD E . 36.27 -17.23 -26.39
C4 7LD E . 28.80 -15.85 -30.33
C5 7LD E . 30.06 -16.35 -30.62
C6 7LD E . 30.93 -15.73 -28.45
C7 7LD E . 29.24 -14.63 -26.96
C8 7LD E . 27.92 -14.31 -27.15
C10 7LD E . 32.94 -16.45 -27.18
C13 7LD E . 34.06 -14.61 -25.89
C15 7LD E . 30.23 -14.48 -25.85
C17 7LD E . 36.07 -18.69 -26.42
C20 7LD E . 38.74 -17.19 -26.23
N2 7LD E . 32.73 -14.27 -25.38
C12 7LD E . 32.75 -12.91 -24.83
C11 7LD E . 31.68 -14.43 -26.41
C3 7LD E . 29.67 -15.24 -28.16
C1 7LD E . 28.62 -15.28 -29.06
C2 7LD E . 31.13 -16.30 -29.71
C9 7LD E . 31.92 -15.60 -27.36
C14 7LD E . 34.12 -16.08 -26.31
C16 7LD E . 35.42 -16.40 -27.02
O1 7LD E . 35.65 -15.93 -28.15
C19 7LD E . 37.43 -16.72 -25.65
C18 7LD E . 35.67 -19.24 -25.07
O12 J40 F . 19.20 9.52 -11.81
P1 J40 F . 19.62 8.53 -12.82
O13 J40 F . 20.10 7.07 -12.27
O11 J40 F . 20.83 8.99 -13.65
O6 J40 F . 19.82 6.87 -15.95
O1 J40 F . 18.47 8.40 -14.00
C1 J40 F . 17.86 7.22 -14.58
C6 J40 F . 18.90 6.23 -15.07
C2 J40 F . 16.90 6.57 -13.59
O2 J40 F . 17.58 6.10 -12.43
C3 J40 F . 16.19 5.41 -14.28
O3 J40 F . 15.32 4.76 -13.37
C4 J40 F . 17.19 4.40 -14.86
O4 J40 F . 16.45 3.44 -15.62
P4 J40 F . 16.29 1.91 -15.11
O41 J40 F . 17.14 1.13 -16.13
O42 J40 F . 14.87 1.44 -15.05
O43 J40 F . 16.99 1.83 -13.75
C5 J40 F . 18.20 5.08 -15.77
O5 J40 F . 19.17 4.12 -16.21
C7 J40 F . 20.40 6.97 -10.86
C8 J40 F . 21.67 7.73 -10.53
C9 J40 F . 22.04 7.59 -9.07
O16 J40 F . 22.74 7.21 -11.38
C10 J40 F . 23.65 8.08 -11.86
O17 J40 F . 23.61 9.27 -11.64
O18 J40 F . 23.20 6.75 -8.89
C11 J40 F . 24.08 7.10 -7.95
O19 J40 F . 23.95 8.08 -7.26
C12 J40 F . 24.69 7.39 -12.69
C13 J40 F . 25.17 8.21 -13.87
C14 J40 F . 26.07 7.41 -14.81
C15 J40 F . 26.64 8.24 -15.93
C16 J40 F . 26.03 9.23 -16.55
C17 J40 F . 26.59 10.04 -17.69
C18 J40 F . 26.95 11.43 -17.28
C19 J40 F . 26.12 12.42 -16.98
C20 J40 F . 26.47 13.82 -16.62
C21 J40 F . 27.66 14.32 -17.39
C22 J40 F . 27.69 14.67 -18.67
C23 J40 F . 26.55 14.65 -19.65
C24 J40 F . 26.09 16.04 -20.02
C31 J40 F . 25.23 6.14 -7.84
C32 J40 F . 25.17 4.92 -8.77
C33 J40 F . 24.38 3.78 -8.17
C34 J40 F . 24.93 3.28 -6.85
C35 J40 F . 26.07 2.28 -6.98
C36 J40 F . 25.66 0.96 -7.59
C37 J40 F . 26.62 -0.18 -7.34
C38 J40 F . 27.87 -0.13 -8.19
C39 J40 F . 28.75 -1.38 -8.06
C40 J40 F . 28.00 -2.68 -8.36
C25 J40 F . 26.70 16.91 -20.80
C26 J40 F . 27.99 16.71 -21.53
C41 J40 F . 28.82 -3.93 -8.10
C42 J40 F . 29.16 -4.16 -6.64
C43 J40 F . 27.95 -4.36 -5.75
CAA Y01 G . 32.94 -2.28 -15.49
CBA Y01 G . 33.77 -1.06 -15.94
CAB Y01 G . 33.22 -0.49 -17.27
CAN Y01 G . 35.28 -1.41 -16.05
CAJ Y01 G . 35.65 -2.60 -16.95
CAO Y01 G . 37.16 -2.76 -17.13
CBB Y01 G . 37.63 -4.04 -17.86
CAC Y01 G . 37.29 -3.98 -19.34
CBE Y01 G . 39.14 -4.24 -17.62
CAP Y01 G . 39.53 -4.30 -16.11
CAQ Y01 G . 40.79 -5.18 -16.00
CBG Y01 G . 41.20 -5.40 -17.46
CBI Y01 G . 39.87 -5.49 -18.21
CAE Y01 G . 39.08 -6.76 -17.85
CAU Y01 G . 40.18 -5.45 -19.71
CAS Y01 G . 41.17 -6.56 -20.10
CBF Y01 G . 42.47 -6.52 -19.30
CBD Y01 G . 42.20 -6.49 -17.78
CAK Y01 G . 43.50 -6.27 -17.01
CAI Y01 G . 44.68 -6.94 -17.63
CAZ Y01 G . 44.66 -7.64 -18.76
CAV Y01 G . 45.86 -8.45 -19.19
CBH Y01 G . 43.47 -7.63 -19.71
CAD Y01 G . 42.84 -9.02 -19.70
CAT Y01 G . 44.00 -7.32 -21.13
CAR Y01 G . 45.21 -8.15 -21.56
CBC Y01 G . 46.34 -8.02 -20.55
OAW Y01 G . 47.44 -8.88 -20.95
CAY Y01 G . 48.05 -8.64 -22.10
OAG Y01 G . 47.63 -7.87 -22.92
CAM Y01 G . 49.32 -9.43 -22.25
CAL Y01 G . 49.15 -10.93 -22.23
CAX Y01 G . 48.24 -11.49 -23.31
OAH Y01 G . 48.73 -12.30 -24.12
OAF Y01 G . 47.06 -11.12 -23.35
CAA Y01 H . 32.01 -0.80 -22.18
CBA Y01 H . 32.16 0.22 -21.04
CAB Y01 H . 33.63 0.29 -20.58
CAN Y01 H . 31.63 1.60 -21.48
CAJ Y01 H . 31.60 2.69 -20.40
CAO Y01 H . 31.05 4.04 -20.89
CBB Y01 H . 29.52 4.14 -21.09
CAC Y01 H . 28.81 4.03 -19.74
CBE Y01 H . 29.20 5.43 -21.88
CAP Y01 H . 29.43 5.27 -23.42
CAQ Y01 H . 28.50 6.29 -24.13
CBG Y01 H . 27.96 7.14 -22.97
CBI Y01 H . 27.78 6.09 -21.83
CAE Y01 H . 26.68 5.05 -22.14
CAU Y01 H . 27.43 6.88 -20.56
CAS Y01 H . 26.22 7.80 -20.78
CBF Y01 H . 26.43 8.81 -21.91
CBD Y01 H . 26.79 8.10 -23.22
CAK Y01 H . 27.15 9.12 -24.30
CAI Y01 H . 26.35 10.38 -24.24
CAZ Y01 H . 25.44 10.69 -23.30
CAV Y01 H . 24.59 11.93 -23.41
CBH Y01 H . 25.25 9.83 -22.04
CAD Y01 H . 23.89 9.13 -22.16
CAT Y01 H . 25.26 10.78 -20.81
CAR Y01 H . 24.35 12.01 -20.96
CBC Y01 H . 24.74 12.82 -22.18
OAW Y01 H . 23.92 14.02 -22.35
CAY Y01 H . 22.72 14.11 -21.77
OAG Y01 H . 22.57 14.45 -20.63
CAM Y01 H . 21.56 13.82 -22.71
CAL Y01 H . 20.61 15.03 -22.90
CAX Y01 H . 21.20 16.20 -23.67
OAH Y01 H . 22.39 16.12 -24.07
OAF Y01 H . 20.49 17.21 -23.87
#